data_3GRW
#
_entry.id   3GRW
#
_cell.length_a   58.049
_cell.length_b   99.329
_cell.length_c   143.657
_cell.angle_alpha   90.00
_cell.angle_beta   90.00
_cell.angle_gamma   90.00
#
_symmetry.space_group_name_H-M   'P 21 21 21'
#
loop_
_entity.id
_entity.type
_entity.pdbx_description
1 polymer 'Fibroblast growth factor receptor 3'
2 polymer 'Fab light chain'
3 polymer 'Fab heavy chain'
4 non-polymer 2-acetamido-2-deoxy-beta-D-glucopyranose
5 non-polymer 'SULFATE ION'
6 water water
#
loop_
_entity_poly.entity_id
_entity_poly.type
_entity_poly.pdbx_seq_one_letter_code
_entity_poly.pdbx_strand_id
1 'polypeptide(L)'
;ADPDTGVDTGAPYWTRPERMDKKLLAVPAANTVRFRCPAAGNPTPSISWLKNGREFRGEHRIGGIKLRHQQWSLVMESVV
PSDRGNYTCVVENKFGSIRQTYTLDVLERSPHRPILQAGLPANQTAVLGSDVEFHCKVYSDAQPHIQWLKHVEVNGSKVG
PDGTPYVTVLKSWISESVEADVRLRLANVSERDGGEYLCRATNFIGVAEKAFWLSVHGPRAAEEELVEADEAGSVHHHHH
H
;
A
2 'polypeptide(L)'
;DIQMTQSPSSLSASVGDRVTITCRASQDVSTAVAWYQQKPGKAPKLLIYSASFLYSGVPSRFSGSGSGTDFTLTISSLQP
EDFATYYCQQSYTTPPTFGQGTKVEIKRTVAAPSVFIFPPSDEQLKSGTASVVCLLNNFYPREAKVQWKVDNALQSGNSQ
ESVTEQDSKDSTYSLSSTLTLSKADYEKHKVYACEVTHQGLSSPVTKSFNRGEC
;
L
3 'polypeptide(L)'
;EVQLVESGGGLVQPGGSLRLSCAASGFTFTSTGISWVRQAPGKGLEWVGRIYPTNGSTNYADSVKGRFTISADTSKNTAY
LQMNSLRAEDTAVYYCARTYGIYDLYVDYTEYVMDYWGQGTLVTVSSASTKGPSVFPLAPSSKSTSGGTAALGCLVKDYF
PEPVTVSWNSGALTSGVHTFPAVLQSSGLYSLSSVVTVPSSSLGTQTYICNVNHKPSNTKVDKKVEPKSCDKTHT
;
H
#
# COMPACT_ATOMS: atom_id res chain seq x y z
N ALA A 11 40.89 -3.18 30.11
CA ALA A 11 40.02 -2.26 30.93
C ALA A 11 39.26 -1.27 30.03
N PRO A 12 38.01 -0.92 30.39
CA PRO A 12 37.14 -0.29 29.38
C PRO A 12 37.49 1.16 29.00
N TYR A 13 37.40 1.45 27.70
CA TYR A 13 37.50 2.83 27.19
C TYR A 13 36.48 3.12 26.06
N TRP A 14 36.19 4.40 25.86
CA TRP A 14 35.37 4.86 24.73
C TRP A 14 36.17 4.81 23.44
N THR A 15 35.59 4.22 22.40
CA THR A 15 36.26 4.16 21.08
C THR A 15 36.32 5.53 20.37
N ARG A 16 35.33 6.38 20.66
CA ARG A 16 35.35 7.79 20.23
C ARG A 16 34.97 8.71 21.38
N PRO A 17 35.92 9.01 22.29
CA PRO A 17 35.61 9.79 23.48
C PRO A 17 35.10 11.21 23.17
N GLU A 18 35.49 11.72 22.01
CA GLU A 18 35.05 13.05 21.53
C GLU A 18 33.54 13.13 21.24
N ARG A 19 32.95 12.00 20.83
CA ARG A 19 31.51 11.94 20.54
C ARG A 19 30.70 11.78 21.82
N MET A 20 31.38 11.69 22.95
CA MET A 20 30.74 11.42 24.26
C MET A 20 30.54 12.70 25.10
N ASP A 21 30.93 13.84 24.55
CA ASP A 21 30.73 15.16 25.21
C ASP A 21 29.27 15.54 25.35
N LYS A 22 28.48 15.28 24.31
CA LYS A 22 27.05 15.61 24.31
C LYS A 22 26.24 14.67 25.19
N LYS A 23 25.46 15.26 26.10
CA LYS A 23 24.66 14.51 27.08
C LYS A 23 23.15 14.83 27.12
N LEU A 24 22.76 15.99 26.60
CA LEU A 24 21.38 16.46 26.70
C LEU A 24 20.67 16.29 25.37
N LEU A 25 19.52 15.60 25.39
CA LEU A 25 18.71 15.36 24.19
C LEU A 25 17.23 15.70 24.46
N ALA A 26 16.63 16.52 23.61
CA ALA A 26 15.17 16.75 23.60
C ALA A 26 14.55 16.08 22.38
N VAL A 27 13.44 15.38 22.56
CA VAL A 27 12.79 14.64 21.48
C VAL A 27 11.26 14.90 21.55
N PRO A 28 10.63 15.25 20.41
CA PRO A 28 9.17 15.32 20.44
C PRO A 28 8.51 13.96 20.64
N ALA A 29 7.34 13.96 21.28
CA ALA A 29 6.68 12.70 21.59
C ALA A 29 6.43 11.89 20.33
N ALA A 30 6.41 10.56 20.51
CA ALA A 30 6.04 9.57 19.51
C ALA A 30 7.18 9.26 18.56
N ASN A 31 8.32 9.92 18.76
CA ASN A 31 9.52 9.61 18.02
C ASN A 31 10.34 8.59 18.80
N THR A 32 11.46 8.18 18.22
CA THR A 32 12.33 7.17 18.82
C THR A 32 13.63 7.77 19.30
N VAL A 33 14.08 7.32 20.47
CA VAL A 33 15.38 7.68 21.04
C VAL A 33 16.32 6.47 21.05
N ARG A 34 17.57 6.72 20.64
CA ARG A 34 18.67 5.78 20.78
C ARG A 34 19.83 6.43 21.55
N PHE A 35 20.26 5.76 22.61
CA PHE A 35 21.50 6.06 23.33
C PHE A 35 22.55 5.00 23.00
N ARG A 36 23.78 5.44 22.74
CA ARG A 36 24.93 4.55 22.52
C ARG A 36 26.07 4.88 23.46
N CYS A 37 26.82 3.86 23.86
CA CYS A 37 28.08 4.06 24.58
C CYS A 37 29.18 3.15 23.98
N PRO A 38 29.60 3.43 22.73
CA PRO A 38 30.52 2.50 22.07
C PRO A 38 31.88 2.42 22.78
N ALA A 39 32.20 1.21 23.23
CA ALA A 39 33.36 1.01 24.06
C ALA A 39 34.19 -0.17 23.57
N ALA A 40 35.35 -0.33 24.18
CA ALA A 40 36.27 -1.43 23.92
C ALA A 40 37.00 -1.78 25.19
N GLY A 41 37.69 -2.91 25.16
CA GLY A 41 38.39 -3.45 26.32
C GLY A 41 38.79 -4.89 26.07
N ASN A 42 39.62 -5.42 26.96
CA ASN A 42 40.07 -6.82 26.88
C ASN A 42 40.04 -7.43 28.28
N PRO A 43 39.06 -8.31 28.56
CA PRO A 43 37.99 -8.74 27.66
C PRO A 43 36.98 -7.63 27.33
N THR A 44 36.22 -7.86 26.27
CA THR A 44 35.14 -6.97 25.87
C THR A 44 34.15 -6.77 27.03
N PRO A 45 33.92 -5.51 27.46
CA PRO A 45 33.08 -5.29 28.64
C PRO A 45 31.55 -5.55 28.50
N SER A 46 30.91 -5.67 29.65
CA SER A 46 29.45 -5.71 29.80
C SER A 46 28.89 -4.29 29.62
N ILE A 47 27.65 -4.19 29.21
CA ILE A 47 26.92 -2.93 29.26
C ILE A 47 25.55 -3.17 29.89
N SER A 48 25.20 -2.34 30.85
CA SER A 48 23.88 -2.33 31.45
C SER A 48 23.38 -0.88 31.58
N TRP A 49 22.06 -0.74 31.69
CA TRP A 49 21.42 0.58 31.62
C TRP A 49 20.59 0.87 32.87
N LEU A 50 20.76 2.10 33.38
CA LEU A 50 20.03 2.63 34.53
C LEU A 50 19.16 3.79 34.09
N LYS A 51 17.98 3.94 34.71
CA LYS A 51 17.14 5.13 34.57
C LYS A 51 17.05 5.76 35.95
N ASN A 52 17.45 7.02 36.06
CA ASN A 52 17.51 7.74 37.33
C ASN A 52 18.25 6.94 38.42
N GLY A 53 19.36 6.33 38.02
CA GLY A 53 20.22 5.55 38.91
C GLY A 53 19.78 4.14 39.35
N ARG A 54 18.59 3.65 38.89
CA ARG A 54 18.05 2.31 39.22
C ARG A 54 18.13 1.44 38.01
N GLU A 55 18.06 0.16 38.24
CA GLU A 55 18.08 -0.75 37.12
C GLU A 55 16.91 -0.48 36.18
N PHE A 56 17.17 -0.56 34.87
CA PHE A 56 16.17 -0.24 33.87
C PHE A 56 15.91 -1.46 32.97
N ARG A 57 14.65 -1.85 32.91
CA ARG A 57 14.19 -3.03 32.20
C ARG A 57 12.97 -2.71 31.33
N GLY A 58 12.77 -3.53 30.30
CA GLY A 58 11.65 -3.34 29.37
C GLY A 58 10.31 -3.16 30.05
N GLU A 59 10.11 -3.89 31.15
CA GLU A 59 8.85 -3.84 31.91
C GLU A 59 8.57 -2.49 32.60
N HIS A 60 9.56 -1.59 32.64
CA HIS A 60 9.40 -0.26 33.26
C HIS A 60 8.74 0.81 32.38
N ARG A 61 8.55 0.53 31.09
CA ARG A 61 7.71 1.40 30.25
C ARG A 61 6.82 0.53 29.40
N ILE A 62 5.66 1.08 29.03
CA ILE A 62 4.77 0.42 28.09
C ILE A 62 5.40 0.67 26.73
N GLY A 63 5.54 -0.39 25.95
CA GLY A 63 6.29 -0.30 24.70
C GLY A 63 7.59 -1.08 24.81
N GLY A 64 8.08 -1.22 26.04
CA GLY A 64 9.32 -1.94 26.31
C GLY A 64 10.52 -1.19 25.78
N ILE A 65 11.64 -1.88 25.72
CA ILE A 65 12.89 -1.30 25.20
C ILE A 65 13.48 -2.27 24.20
N LYS A 66 14.40 -1.78 23.38
CA LYS A 66 15.21 -2.63 22.50
C LYS A 66 16.70 -2.42 22.84
N LEU A 67 17.30 -3.48 23.39
CA LEU A 67 18.69 -3.48 23.82
C LEU A 67 19.56 -4.16 22.78
N ARG A 68 20.74 -3.60 22.57
CA ARG A 68 21.64 -4.06 21.55
C ARG A 68 23.08 -3.97 22.03
N HIS A 69 23.49 -4.98 22.80
CA HIS A 69 24.77 -4.92 23.48
C HIS A 69 25.98 -4.84 22.52
N GLN A 70 25.95 -5.56 21.40
CA GLN A 70 27.08 -5.60 20.48
C GLN A 70 27.30 -4.20 19.89
N GLN A 71 26.21 -3.45 19.75
CA GLN A 71 26.23 -2.03 19.32
C GLN A 71 26.11 -1.00 20.46
N TRP A 72 26.20 -1.48 21.70
CA TRP A 72 26.28 -0.63 22.88
C TRP A 72 25.11 0.36 22.97
N SER A 73 23.91 -0.12 22.62
CA SER A 73 22.76 0.77 22.41
C SER A 73 21.53 0.38 23.22
N LEU A 74 20.79 1.41 23.64
CA LEU A 74 19.45 1.30 24.20
C LEU A 74 18.54 2.09 23.25
N VAL A 75 17.46 1.47 22.81
CA VAL A 75 16.44 2.12 21.98
C VAL A 75 15.07 2.12 22.69
N MET A 76 14.41 3.27 22.65
CA MET A 76 13.05 3.43 23.18
C MET A 76 12.18 4.01 22.07
N GLU A 77 11.23 3.21 21.61
CA GLU A 77 10.32 3.63 20.57
C GLU A 77 9.16 4.38 21.18
N SER A 78 8.59 5.29 20.40
CA SER A 78 7.37 6.00 20.74
C SER A 78 7.45 6.69 22.10
N VAL A 79 8.39 7.61 22.24
CA VAL A 79 8.59 8.22 23.56
C VAL A 79 7.43 9.11 24.01
N VAL A 80 7.27 9.14 25.33
CA VAL A 80 6.21 9.86 26.03
C VAL A 80 6.83 10.65 27.19
N PRO A 81 6.11 11.65 27.74
CA PRO A 81 6.61 12.41 28.87
C PRO A 81 7.16 11.61 30.06
N SER A 82 6.57 10.44 30.38
CA SER A 82 7.08 9.63 31.48
C SER A 82 8.48 9.04 31.21
N ASP A 83 8.98 9.18 29.98
CA ASP A 83 10.34 8.74 29.64
C ASP A 83 11.41 9.76 29.98
N ARG A 84 10.98 10.96 30.31
CA ARG A 84 11.92 12.00 30.75
C ARG A 84 12.77 11.50 31.90
N GLY A 85 14.06 11.83 31.88
CA GLY A 85 14.96 11.46 32.96
C GLY A 85 16.38 11.15 32.53
N ASN A 86 17.13 10.53 33.43
CA ASN A 86 18.55 10.30 33.27
C ASN A 86 18.75 8.83 32.96
N TYR A 87 19.58 8.56 31.96
CA TYR A 87 19.84 7.21 31.48
C TYR A 87 21.33 7.02 31.46
N THR A 88 21.80 6.07 32.27
CA THR A 88 23.24 5.81 32.42
C THR A 88 23.60 4.44 31.88
N CYS A 89 24.62 4.37 31.02
CA CYS A 89 25.24 3.10 30.66
C CYS A 89 26.41 2.86 31.62
N VAL A 90 26.49 1.64 32.12
CA VAL A 90 27.59 1.21 32.97
C VAL A 90 28.31 0.13 32.16
N VAL A 91 29.54 0.41 31.77
CA VAL A 91 30.31 -0.49 30.91
C VAL A 91 31.44 -1.06 31.73
N GLU A 92 31.54 -2.38 31.84
CA GLU A 92 32.38 -3.04 32.85
C GLU A 92 33.06 -4.31 32.37
N ASN A 93 34.35 -4.45 32.68
CA ASN A 93 35.00 -5.77 32.69
C ASN A 93 35.69 -5.97 34.06
N LYS A 94 36.46 -7.04 34.21
CA LYS A 94 37.15 -7.32 35.48
C LYS A 94 38.20 -6.27 35.88
N PHE A 95 38.78 -5.61 34.88
CA PHE A 95 39.84 -4.61 35.11
C PHE A 95 39.32 -3.19 35.34
N GLY A 96 38.03 -2.93 35.11
CA GLY A 96 37.55 -1.55 35.23
C GLY A 96 36.14 -1.24 34.78
N SER A 97 35.80 0.04 34.91
CA SER A 97 34.45 0.55 34.74
C SER A 97 34.48 1.96 34.13
N ILE A 98 33.55 2.23 33.21
CA ILE A 98 33.23 3.59 32.77
C ILE A 98 31.73 3.74 32.67
N ARG A 99 31.28 4.98 32.74
CA ARG A 99 29.88 5.33 32.61
C ARG A 99 29.63 6.67 31.94
N GLN A 100 28.42 6.78 31.42
CA GLN A 100 27.93 7.95 30.69
C GLN A 100 26.47 8.12 31.04
N THR A 101 26.08 9.33 31.42
CA THR A 101 24.69 9.67 31.70
C THR A 101 24.10 10.70 30.70
N TYR A 102 22.98 10.31 30.10
CA TYR A 102 22.23 11.17 29.19
C TYR A 102 21.04 11.70 29.94
N THR A 103 20.65 12.93 29.64
CA THR A 103 19.40 13.48 30.15
C THR A 103 18.43 13.68 28.98
N LEU A 104 17.28 13.00 29.06
CA LEU A 104 16.25 13.04 28.03
C LEU A 104 15.08 13.94 28.44
N ASP A 105 14.74 14.90 27.59
CA ASP A 105 13.46 15.63 27.68
C ASP A 105 12.56 15.16 26.54
N VAL A 106 11.26 15.09 26.81
CA VAL A 106 10.28 14.70 25.82
C VAL A 106 9.23 15.79 25.76
N LEU A 107 8.93 16.30 24.58
CA LEU A 107 8.02 17.41 24.40
C LEU A 107 6.69 16.94 23.83
N GLU A 108 5.61 17.28 24.51
CA GLU A 108 4.26 16.90 24.08
C GLU A 108 3.21 17.97 24.45
N ARG A 109 2.28 18.24 23.54
CA ARG A 109 1.21 19.20 23.80
C ARG A 109 0.28 18.61 24.84
N SER A 110 -0.32 19.48 25.63
CA SER A 110 -1.27 19.06 26.65
C SER A 110 -2.63 18.85 25.99
N PRO A 111 -3.36 17.80 26.39
CA PRO A 111 -4.66 17.51 25.81
C PRO A 111 -5.78 18.33 26.46
N HIS A 112 -6.97 18.28 25.85
CA HIS A 112 -8.16 19.00 26.32
C HIS A 112 -9.38 18.09 26.30
N ARG A 113 -10.46 18.53 26.94
CA ARG A 113 -11.71 17.79 26.89
C ARG A 113 -12.27 17.82 25.46
N PRO A 114 -13.11 16.83 25.11
CA PRO A 114 -13.64 16.82 23.77
C PRO A 114 -14.53 18.05 23.53
N ILE A 115 -14.67 18.42 22.27
CA ILE A 115 -15.54 19.52 21.85
C ILE A 115 -16.57 18.94 20.87
N LEU A 116 -17.84 19.18 21.15
CA LEU A 116 -18.95 18.60 20.38
C LEU A 116 -19.67 19.65 19.53
N GLN A 117 -20.21 19.20 18.40
CA GLN A 117 -21.01 20.04 17.52
C GLN A 117 -22.23 19.25 17.00
N ALA A 118 -23.42 19.79 17.28
CA ALA A 118 -24.67 19.11 16.95
C ALA A 118 -25.03 19.26 15.47
N GLY A 119 -25.86 18.34 14.97
CA GLY A 119 -26.49 18.49 13.65
C GLY A 119 -27.58 19.56 13.69
N LEU A 120 -27.62 20.40 12.66
CA LEU A 120 -28.51 21.59 12.64
C LEU A 120 -30.02 21.30 12.80
N PRO A 121 -30.52 20.15 12.29
CA PRO A 121 -31.89 19.73 12.64
C PRO A 121 -32.18 19.49 14.14
N ALA A 122 -31.18 19.02 14.88
CA ALA A 122 -31.39 18.46 16.22
C ALA A 122 -32.09 19.35 17.28
N ASN A 123 -32.97 18.77 18.13
CA ASN A 123 -34.46 18.84 17.99
C ASN A 123 -35.33 18.55 16.73
N GLN A 124 -35.88 17.33 16.64
CA GLN A 124 -36.65 16.88 15.45
C GLN A 124 -38.07 16.37 15.72
N THR A 125 -38.83 16.26 14.64
CA THR A 125 -40.16 15.65 14.64
C THR A 125 -40.32 14.77 13.39
N ALA A 126 -41.03 13.65 13.53
CA ALA A 126 -41.20 12.71 12.41
C ALA A 126 -42.52 11.93 12.49
N VAL A 127 -42.97 11.46 11.34
CA VAL A 127 -44.18 10.62 11.25
C VAL A 127 -43.84 9.14 11.40
N LEU A 128 -44.80 8.37 11.90
CA LEU A 128 -44.69 6.89 11.95
C LEU A 128 -44.16 6.31 10.63
N GLY A 129 -43.17 5.41 10.73
CA GLY A 129 -42.62 4.73 9.54
C GLY A 129 -41.46 5.42 8.83
N SER A 130 -41.19 6.68 9.17
CA SER A 130 -40.12 7.45 8.52
C SER A 130 -38.76 7.22 9.18
N ASP A 131 -37.70 7.64 8.49
CA ASP A 131 -36.33 7.55 9.04
C ASP A 131 -35.86 8.88 9.64
N VAL A 132 -35.24 8.79 10.82
CA VAL A 132 -34.60 9.94 11.47
C VAL A 132 -33.12 9.64 11.76
N GLU A 133 -32.28 10.64 11.49
CA GLU A 133 -30.83 10.56 11.71
C GLU A 133 -30.36 11.75 12.51
N PHE A 134 -29.63 11.48 13.58
CA PHE A 134 -28.97 12.50 14.37
C PHE A 134 -27.49 12.50 14.05
N HIS A 135 -26.91 13.69 13.98
CA HIS A 135 -25.50 13.86 13.66
C HIS A 135 -24.78 14.56 14.80
N CYS A 136 -23.55 14.14 15.04
CA CYS A 136 -22.73 14.69 16.09
C CYS A 136 -21.28 14.68 15.66
N LYS A 137 -20.70 15.86 15.49
CA LYS A 137 -19.27 15.99 15.21
C LYS A 137 -18.49 16.08 16.53
N VAL A 138 -17.49 15.21 16.67
CA VAL A 138 -16.68 15.15 17.89
C VAL A 138 -15.25 15.47 17.52
N TYR A 139 -14.71 16.53 18.13
CA TYR A 139 -13.27 16.85 18.08
C TYR A 139 -12.63 16.56 19.45
N SER A 140 -11.55 15.78 19.43
CA SER A 140 -10.87 15.32 20.66
C SER A 140 -9.38 15.06 20.40
N ASP A 141 -8.51 15.88 21.00
CA ASP A 141 -7.06 15.72 20.80
C ASP A 141 -6.42 14.55 21.58
N ALA A 142 -7.23 13.91 22.44
CA ALA A 142 -6.90 12.69 23.14
C ALA A 142 -8.01 11.67 22.81
N GLN A 143 -7.66 10.38 22.69
CA GLN A 143 -8.61 9.37 22.17
C GLN A 143 -9.91 9.33 22.98
N PRO A 144 -11.06 9.60 22.31
CA PRO A 144 -12.35 9.54 22.97
C PRO A 144 -13.12 8.22 22.82
N HIS A 145 -13.92 7.94 23.84
CA HIS A 145 -14.97 6.94 23.81
C HIS A 145 -16.27 7.71 23.47
N ILE A 146 -16.88 7.36 22.34
CA ILE A 146 -18.09 8.07 21.88
C ILE A 146 -19.30 7.15 22.07
N GLN A 147 -20.35 7.69 22.66
CA GLN A 147 -21.58 6.95 22.92
C GLN A 147 -22.81 7.76 22.51
N TRP A 148 -23.75 7.09 21.84
CA TRP A 148 -25.13 7.56 21.72
C TRP A 148 -25.94 6.87 22.79
N LEU A 149 -26.62 7.67 23.59
CA LEU A 149 -27.41 7.21 24.73
C LEU A 149 -28.89 7.63 24.55
N LYS A 150 -29.76 7.02 25.35
CA LYS A 150 -31.18 7.37 25.37
C LYS A 150 -31.67 7.39 26.81
N HIS A 151 -32.33 8.47 27.21
CA HIS A 151 -32.99 8.51 28.52
C HIS A 151 -34.19 7.57 28.50
N VAL A 152 -34.18 6.62 29.44
CA VAL A 152 -35.24 5.63 29.57
C VAL A 152 -36.01 5.89 30.87
N GLU A 153 -36.94 4.98 31.18
CA GLU A 153 -37.74 5.06 32.40
C GLU A 153 -38.00 3.64 32.92
N VAL A 154 -37.24 3.21 33.92
CA VAL A 154 -37.36 1.84 34.47
C VAL A 154 -38.73 1.60 35.12
N ASN A 155 -39.22 2.59 35.88
CA ASN A 155 -40.60 2.58 36.41
C ASN A 155 -40.96 3.96 36.99
N GLY A 156 -41.37 4.88 36.11
CA GLY A 156 -41.58 6.28 36.50
C GLY A 156 -40.27 6.94 36.92
N SER A 157 -39.16 6.31 36.56
CA SER A 157 -37.82 6.74 36.95
C SER A 157 -37.20 7.54 35.82
N LYS A 158 -37.75 8.73 35.58
CA LYS A 158 -37.13 9.72 34.69
C LYS A 158 -35.90 10.31 35.42
N VAL A 159 -35.43 9.58 36.42
CA VAL A 159 -34.31 9.93 37.27
C VAL A 159 -34.06 8.69 38.16
N GLY A 160 -33.02 8.71 38.98
CA GLY A 160 -32.72 7.58 39.87
C GLY A 160 -32.18 8.04 41.21
N PRO A 161 -32.62 7.41 42.32
CA PRO A 161 -32.23 7.71 43.71
C PRO A 161 -30.77 8.09 43.89
N ASP A 162 -30.41 9.26 43.36
CA ASP A 162 -29.04 9.74 43.31
C ASP A 162 -29.03 11.06 42.53
N GLY A 163 -28.01 11.22 41.65
CA GLY A 163 -27.85 12.42 40.83
C GLY A 163 -28.44 12.53 39.40
N THR A 164 -29.16 11.53 38.87
CA THR A 164 -28.64 10.42 38.01
C THR A 164 -29.84 9.97 37.15
N PRO A 165 -30.19 10.76 36.11
CA PRO A 165 -31.12 10.34 35.06
C PRO A 165 -30.74 8.97 34.51
N TYR A 166 -31.74 8.10 34.35
CA TYR A 166 -31.48 6.74 33.89
C TYR A 166 -31.28 6.75 32.36
N VAL A 167 -30.35 5.92 31.91
CA VAL A 167 -29.91 5.91 30.52
C VAL A 167 -29.47 4.53 30.07
N THR A 168 -29.79 4.16 28.83
CA THR A 168 -29.21 2.97 28.19
C THR A 168 -28.37 3.39 26.98
N VAL A 169 -27.46 2.50 26.59
CA VAL A 169 -26.46 2.78 25.57
C VAL A 169 -26.89 2.12 24.27
N LEU A 170 -27.12 2.94 23.26
CA LEU A 170 -27.56 2.46 21.97
C LEU A 170 -26.37 2.07 21.09
N LYS A 171 -25.30 2.85 21.21
CA LYS A 171 -24.18 2.77 20.31
C LYS A 171 -22.95 3.22 21.07
N SER A 172 -21.81 2.61 20.73
CA SER A 172 -20.55 2.90 21.39
C SER A 172 -19.40 2.61 20.46
N TRP A 173 -18.47 3.56 20.34
CA TRP A 173 -17.16 3.22 19.80
C TRP A 173 -16.05 4.14 20.28
N ILE A 174 -14.82 3.66 20.06
CA ILE A 174 -13.60 4.36 20.35
C ILE A 174 -13.07 4.91 19.03
N SER A 175 -12.99 6.24 18.94
CA SER A 175 -12.54 6.89 17.72
C SER A 175 -11.04 6.71 17.50
N GLU A 176 -10.67 6.46 16.25
CA GLU A 176 -9.30 6.30 15.83
C GLU A 176 -8.72 7.63 15.39
N SER A 177 -9.54 8.68 15.30
CA SER A 177 -9.11 9.99 14.83
C SER A 177 -9.59 11.13 15.71
N VAL A 178 -8.89 12.27 15.54
CA VAL A 178 -9.17 13.48 16.29
C VAL A 178 -10.53 14.08 15.96
N GLU A 179 -10.98 13.89 14.72
CA GLU A 179 -12.30 14.31 14.27
C GLU A 179 -13.13 13.08 13.90
N ALA A 180 -14.33 12.98 14.42
CA ALA A 180 -15.27 11.92 14.06
C ALA A 180 -16.63 12.53 13.78
N ASP A 181 -17.28 12.06 12.72
CA ASP A 181 -18.69 12.34 12.46
C ASP A 181 -19.47 11.10 12.86
N VAL A 182 -20.17 11.19 13.99
CA VAL A 182 -20.89 10.07 14.57
C VAL A 182 -22.38 10.26 14.27
N ARG A 183 -23.04 9.17 13.90
CA ARG A 183 -24.44 9.23 13.49
C ARG A 183 -25.27 8.20 14.22
N LEU A 184 -26.49 8.58 14.55
CA LEU A 184 -27.49 7.65 15.05
C LEU A 184 -28.64 7.60 14.05
N ARG A 185 -28.88 6.41 13.48
CA ARG A 185 -30.04 6.21 12.61
C ARG A 185 -31.15 5.43 13.34
N LEU A 186 -32.31 6.06 13.44
CA LEU A 186 -33.53 5.44 13.95
C LEU A 186 -34.45 5.13 12.75
N ALA A 187 -34.51 3.84 12.37
CA ALA A 187 -35.26 3.40 11.19
C ALA A 187 -36.72 3.09 11.52
N ASN A 188 -37.61 3.42 10.59
CA ASN A 188 -39.00 2.93 10.62
C ASN A 188 -39.67 3.24 11.97
N VAL A 189 -39.63 4.52 12.36
CA VAL A 189 -39.89 4.92 13.75
C VAL A 189 -41.32 4.65 14.23
N SER A 190 -41.42 4.23 15.49
CA SER A 190 -42.70 4.03 16.17
C SER A 190 -42.79 5.01 17.33
N GLU A 191 -43.92 4.98 18.03
CA GLU A 191 -44.15 5.82 19.22
C GLU A 191 -43.02 5.63 20.24
N ARG A 192 -42.71 4.36 20.49
CA ARG A 192 -41.56 3.90 21.30
C ARG A 192 -40.28 4.73 21.14
N ASP A 193 -39.95 5.08 19.90
CA ASP A 193 -38.68 5.74 19.58
C ASP A 193 -38.61 7.21 19.95
N GLY A 194 -39.74 7.83 20.24
CA GLY A 194 -39.77 9.20 20.77
C GLY A 194 -39.04 9.31 22.10
N GLY A 195 -38.37 10.45 22.33
CA GLY A 195 -37.65 10.69 23.58
C GLY A 195 -36.41 11.56 23.44
N GLU A 196 -35.60 11.58 24.50
CA GLU A 196 -34.37 12.37 24.53
C GLU A 196 -33.15 11.49 24.27
N TYR A 197 -32.31 11.94 23.34
CA TYR A 197 -31.09 11.23 22.92
C TYR A 197 -29.83 12.06 23.24
N LEU A 198 -28.72 11.39 23.56
CA LEU A 198 -27.46 12.05 23.88
C LEU A 198 -26.31 11.54 23.01
N CYS A 199 -25.56 12.47 22.42
CA CYS A 199 -24.21 12.19 21.94
C CYS A 199 -23.24 12.55 23.06
N ARG A 200 -22.54 11.54 23.58
CA ARG A 200 -21.50 11.78 24.59
C ARG A 200 -20.10 11.38 24.12
N ALA A 201 -19.10 12.18 24.50
CA ALA A 201 -17.71 11.90 24.17
C ALA A 201 -16.88 12.06 25.43
N THR A 202 -16.17 11.00 25.82
CA THR A 202 -15.31 11.08 26.99
C THR A 202 -13.88 10.73 26.62
N ASN A 203 -12.95 11.62 27.00
CA ASN A 203 -11.51 11.34 26.93
C ASN A 203 -10.86 11.42 28.33
N PHE A 204 -9.54 11.25 28.39
CA PHE A 204 -8.72 11.26 29.63
C PHE A 204 -9.00 12.48 30.53
N ILE A 205 -9.13 13.64 29.90
CA ILE A 205 -9.33 14.91 30.57
C ILE A 205 -10.78 15.14 31.01
N GLY A 206 -11.75 14.71 30.21
CA GLY A 206 -13.15 14.82 30.61
C GLY A 206 -14.21 14.47 29.57
N VAL A 207 -15.40 15.05 29.77
CA VAL A 207 -16.61 14.64 29.05
C VAL A 207 -17.30 15.87 28.45
N ALA A 208 -17.86 15.68 27.26
CA ALA A 208 -18.80 16.64 26.65
C ALA A 208 -20.02 15.85 26.18
N GLU A 209 -21.16 16.51 26.10
CA GLU A 209 -22.37 15.91 25.51
C GLU A 209 -23.31 16.94 24.90
N LYS A 210 -24.11 16.50 23.92
CA LYS A 210 -25.24 17.26 23.36
C LYS A 210 -26.53 16.43 23.36
N ALA A 211 -27.66 17.09 23.63
CA ALA A 211 -28.99 16.46 23.60
C ALA A 211 -29.72 16.67 22.27
N PHE A 212 -30.51 15.68 21.90
CA PHE A 212 -31.33 15.67 20.68
C PHE A 212 -32.70 15.11 21.04
N TRP A 213 -33.77 15.80 20.64
CA TRP A 213 -35.15 15.32 20.91
C TRP A 213 -35.85 14.80 19.67
N LEU A 214 -36.58 13.70 19.85
CA LEU A 214 -37.47 13.18 18.82
C LEU A 214 -38.87 13.12 19.39
N SER A 215 -39.84 13.49 18.56
CA SER A 215 -41.25 13.24 18.82
C SER A 215 -41.87 12.61 17.59
N VAL A 216 -42.48 11.43 17.77
CA VAL A 216 -43.11 10.68 16.67
C VAL A 216 -44.63 10.94 16.60
N ASP B 1 22.60 12.89 -5.63
CA ASP B 1 21.94 11.98 -4.65
C ASP B 1 22.80 10.74 -4.39
N ILE B 2 22.45 10.01 -3.33
CA ILE B 2 23.06 8.73 -3.02
C ILE B 2 22.26 7.63 -3.71
N GLN B 3 22.98 6.78 -4.44
CA GLN B 3 22.38 5.68 -5.19
C GLN B 3 22.49 4.40 -4.38
N MET B 4 21.39 3.65 -4.32
CA MET B 4 21.33 2.37 -3.65
C MET B 4 21.12 1.30 -4.72
N THR B 5 22.01 0.31 -4.74
CA THR B 5 21.96 -0.70 -5.78
C THR B 5 21.66 -2.02 -5.12
N GLN B 6 20.52 -2.61 -5.49
CA GLN B 6 20.07 -3.89 -4.93
C GLN B 6 20.46 -5.07 -5.81
N SER B 7 20.87 -6.18 -5.20
CA SER B 7 20.98 -7.43 -5.94
C SER B 7 20.54 -8.66 -5.15
N PRO B 8 19.96 -9.66 -5.85
CA PRO B 8 19.67 -9.60 -7.28
C PRO B 8 18.37 -8.86 -7.53
N SER B 9 18.08 -8.54 -8.79
CA SER B 9 16.80 -7.92 -9.13
C SER B 9 15.62 -8.90 -8.95
N SER B 10 15.89 -10.19 -9.09
CA SER B 10 14.89 -11.19 -8.83
C SER B 10 15.54 -12.48 -8.38
N LEU B 11 14.73 -13.32 -7.75
CA LEU B 11 15.17 -14.64 -7.39
C LEU B 11 13.95 -15.51 -7.18
N SER B 12 14.14 -16.81 -7.42
CA SER B 12 13.12 -17.83 -7.22
C SER B 12 13.53 -18.69 -6.04
N ALA B 13 12.60 -18.97 -5.14
CA ALA B 13 12.89 -19.73 -3.93
C ALA B 13 11.73 -20.60 -3.52
N SER B 14 12.00 -21.56 -2.61
CA SER B 14 10.96 -22.40 -2.04
C SER B 14 10.73 -21.99 -0.59
N VAL B 15 9.51 -22.20 -0.13
CA VAL B 15 9.18 -22.19 1.29
C VAL B 15 10.24 -23.03 2.03
N GLY B 16 10.77 -22.46 3.12
CA GLY B 16 11.83 -23.09 3.91
C GLY B 16 13.24 -22.59 3.61
N ASP B 17 13.43 -21.95 2.46
CA ASP B 17 14.76 -21.52 2.04
C ASP B 17 15.21 -20.31 2.85
N ARG B 18 16.51 -20.21 3.02
CA ARG B 18 17.17 -18.99 3.50
C ARG B 18 17.40 -18.06 2.33
N VAL B 19 16.95 -16.80 2.42
CA VAL B 19 17.08 -15.82 1.35
C VAL B 19 17.91 -14.65 1.84
N THR B 20 18.83 -14.18 1.00
CA THR B 20 19.72 -13.07 1.31
C THR B 20 19.70 -12.08 0.16
N ILE B 21 19.28 -10.85 0.46
CA ILE B 21 19.22 -9.74 -0.50
C ILE B 21 20.23 -8.70 -0.06
N THR B 22 20.99 -8.15 -1.01
CA THR B 22 21.97 -7.12 -0.69
C THR B 22 21.61 -5.74 -1.29
N CYS B 23 22.10 -4.71 -0.62
CA CYS B 23 21.87 -3.34 -0.99
C CYS B 23 23.20 -2.61 -0.79
N ARG B 24 23.69 -1.93 -1.82
CA ARG B 24 24.98 -1.22 -1.74
C ARG B 24 24.80 0.29 -1.93
N ALA B 25 25.21 1.07 -0.94
CA ALA B 25 25.21 2.53 -1.08
C ALA B 25 26.44 3.05 -1.87
N SER B 26 26.22 4.09 -2.69
CA SER B 26 27.27 4.75 -3.48
C SER B 26 28.28 5.48 -2.61
N GLN B 27 27.86 5.84 -1.40
CA GLN B 27 28.74 6.39 -0.39
C GLN B 27 28.24 5.98 0.99
N ASP B 28 29.07 6.24 2.00
CA ASP B 28 28.80 5.87 3.40
C ASP B 28 27.49 6.47 3.88
N VAL B 29 26.61 5.60 4.39
CA VAL B 29 25.34 6.02 4.98
C VAL B 29 25.20 5.57 6.44
N SER B 30 26.33 5.29 7.08
CA SER B 30 26.34 4.88 8.47
C SER B 30 25.44 3.63 8.60
N THR B 31 24.42 3.67 9.48
CA THR B 31 23.40 2.61 9.54
C THR B 31 21.97 3.10 9.22
N ALA B 32 21.86 4.17 8.45
CA ALA B 32 20.58 4.83 8.23
C ALA B 32 19.87 4.19 7.04
N VAL B 33 19.60 2.88 7.13
CA VAL B 33 18.99 2.08 6.05
C VAL B 33 17.74 1.31 6.58
N ALA B 34 16.65 1.43 5.84
CA ALA B 34 15.40 0.73 6.11
C ALA B 34 15.11 -0.30 5.01
N TRP B 35 14.33 -1.33 5.35
CA TRP B 35 13.85 -2.32 4.38
C TRP B 35 12.33 -2.40 4.39
N TYR B 36 11.76 -2.50 3.18
CA TYR B 36 10.32 -2.54 2.95
C TYR B 36 9.92 -3.76 2.19
N GLN B 37 8.73 -4.28 2.49
CA GLN B 37 8.08 -5.32 1.69
C GLN B 37 6.87 -4.72 0.95
N GLN B 38 6.73 -5.03 -0.35
CA GLN B 38 5.55 -4.62 -1.12
C GLN B 38 4.92 -5.78 -1.91
N LYS B 39 3.61 -5.93 -1.80
CA LYS B 39 2.88 -6.89 -2.59
C LYS B 39 2.11 -6.17 -3.70
N PRO B 40 1.80 -6.89 -4.81
CA PRO B 40 1.15 -6.24 -5.95
C PRO B 40 -0.16 -5.55 -5.57
N GLY B 41 -0.29 -4.29 -6.00
CA GLY B 41 -1.47 -3.48 -5.69
C GLY B 41 -1.52 -2.91 -4.26
N LYS B 42 -0.48 -3.12 -3.47
CA LYS B 42 -0.52 -2.66 -2.07
C LYS B 42 0.63 -1.70 -1.79
N ALA B 43 0.46 -0.97 -0.68
CA ALA B 43 1.48 -0.06 -0.19
C ALA B 43 2.65 -0.84 0.39
N PRO B 44 3.85 -0.25 0.33
CA PRO B 44 4.96 -0.85 1.03
C PRO B 44 4.70 -0.97 2.54
N LYS B 45 5.33 -1.98 3.14
CA LYS B 45 5.27 -2.19 4.58
C LYS B 45 6.67 -2.17 5.15
N LEU B 46 6.87 -1.45 6.25
CA LEU B 46 8.18 -1.43 6.93
C LEU B 46 8.55 -2.71 7.69
N LEU B 47 9.77 -3.19 7.47
CA LEU B 47 10.28 -4.39 8.14
C LEU B 47 11.35 -4.03 9.16
N ILE B 48 12.30 -3.20 8.73
CA ILE B 48 13.52 -2.97 9.46
C ILE B 48 13.97 -1.51 9.33
N TYR B 49 14.43 -0.94 10.44
CA TYR B 49 15.03 0.38 10.41
C TYR B 49 16.41 0.34 11.09
N SER B 50 17.19 1.41 10.87
CA SER B 50 18.57 1.53 11.37
C SER B 50 19.42 0.29 11.10
N ALA B 51 19.24 -0.24 9.88
CA ALA B 51 19.99 -1.37 9.28
C ALA B 51 19.63 -2.74 9.87
N SER B 52 19.46 -2.80 11.18
CA SER B 52 19.31 -4.08 11.87
C SER B 52 18.19 -4.14 12.91
N PHE B 53 17.36 -3.10 13.04
CA PHE B 53 16.31 -3.08 14.09
C PHE B 53 14.98 -3.47 13.50
N LEU B 54 14.39 -4.51 14.08
CA LEU B 54 13.14 -5.05 13.60
C LEU B 54 11.99 -4.20 14.10
N TYR B 55 11.14 -3.74 13.19
CA TYR B 55 9.97 -3.00 13.55
C TYR B 55 9.01 -3.91 14.30
N SER B 56 8.29 -3.34 15.26
CA SER B 56 7.50 -4.15 16.20
C SER B 56 6.41 -4.88 15.45
N GLY B 57 6.19 -6.15 15.79
CA GLY B 57 5.18 -6.97 15.12
C GLY B 57 5.62 -7.71 13.85
N VAL B 58 6.82 -7.41 13.35
CA VAL B 58 7.42 -8.06 12.19
C VAL B 58 8.06 -9.40 12.60
N PRO B 59 7.81 -10.48 11.84
CA PRO B 59 8.37 -11.78 12.27
C PRO B 59 9.90 -11.81 12.38
N SER B 60 10.40 -12.56 13.35
CA SER B 60 11.82 -12.59 13.66
C SER B 60 12.69 -13.37 12.67
N ARG B 61 12.07 -14.08 11.73
CA ARG B 61 12.79 -14.65 10.58
C ARG B 61 13.45 -13.58 9.69
N PHE B 62 12.94 -12.34 9.74
CA PHE B 62 13.56 -11.21 9.07
C PHE B 62 14.68 -10.59 9.91
N SER B 63 15.81 -10.28 9.28
CA SER B 63 16.89 -9.59 9.96
C SER B 63 17.70 -8.78 8.96
N GLY B 64 18.37 -7.74 9.45
CA GLY B 64 19.22 -6.90 8.60
C GLY B 64 20.57 -6.71 9.23
N SER B 65 21.59 -6.53 8.41
CA SER B 65 22.94 -6.25 8.90
C SER B 65 23.62 -5.27 7.95
N GLY B 66 24.72 -4.68 8.41
CA GLY B 66 25.49 -3.82 7.56
C GLY B 66 25.80 -2.48 8.19
N SER B 67 26.80 -1.85 7.63
CA SER B 67 27.18 -0.49 8.01
C SER B 67 28.01 0.10 6.89
N GLY B 68 28.00 1.41 6.81
CA GLY B 68 28.75 2.09 5.76
C GLY B 68 28.07 2.00 4.41
N THR B 69 28.55 1.09 3.56
CA THR B 69 28.03 0.97 2.21
C THR B 69 27.37 -0.37 1.86
N ASP B 70 27.50 -1.39 2.71
CA ASP B 70 27.02 -2.73 2.35
C ASP B 70 26.02 -3.29 3.37
N PHE B 71 24.81 -3.60 2.90
CA PHE B 71 23.69 -3.95 3.77
C PHE B 71 23.03 -5.19 3.23
N THR B 72 22.53 -6.02 4.13
CA THR B 72 21.87 -7.26 3.70
C THR B 72 20.59 -7.46 4.48
N LEU B 73 19.57 -7.99 3.80
CA LEU B 73 18.33 -8.45 4.39
C LEU B 73 18.32 -9.98 4.26
N THR B 74 18.05 -10.67 5.36
CA THR B 74 17.99 -12.13 5.40
C THR B 74 16.61 -12.55 5.88
N ILE B 75 16.01 -13.49 5.15
CA ILE B 75 14.84 -14.22 5.63
C ILE B 75 15.32 -15.63 5.93
N SER B 76 15.25 -16.02 7.20
CA SER B 76 15.89 -17.25 7.69
C SER B 76 15.25 -18.51 7.13
N SER B 77 13.93 -18.50 7.02
CA SER B 77 13.16 -19.64 6.55
C SER B 77 11.89 -19.08 5.91
N LEU B 78 11.87 -19.04 4.58
CA LEU B 78 10.86 -18.31 3.82
C LEU B 78 9.48 -18.93 3.98
N GLN B 79 8.47 -18.08 4.19
CA GLN B 79 7.07 -18.51 4.38
C GLN B 79 6.25 -18.11 3.16
N PRO B 80 5.10 -18.80 2.92
CA PRO B 80 4.22 -18.47 1.78
C PRO B 80 3.85 -16.99 1.65
N GLU B 81 3.69 -16.30 2.77
CA GLU B 81 3.29 -14.90 2.75
C GLU B 81 4.47 -13.96 2.42
N ASP B 82 5.68 -14.50 2.27
CA ASP B 82 6.88 -13.68 2.09
C ASP B 82 7.22 -13.38 0.63
N PHE B 83 6.56 -14.06 -0.30
CA PHE B 83 6.74 -13.80 -1.74
C PHE B 83 6.15 -12.42 -2.09
N ALA B 84 7.03 -11.53 -2.53
CA ALA B 84 6.79 -10.09 -2.59
C ALA B 84 8.05 -9.45 -3.16
N THR B 85 8.04 -8.12 -3.29
CA THR B 85 9.22 -7.34 -3.66
C THR B 85 9.73 -6.60 -2.43
N TYR B 86 11.05 -6.48 -2.32
CA TYR B 86 11.71 -5.91 -1.16
C TYR B 86 12.60 -4.78 -1.63
N TYR B 87 12.52 -3.67 -0.90
CA TYR B 87 13.21 -2.44 -1.24
C TYR B 87 14.04 -2.00 -0.05
N CYS B 88 15.28 -1.61 -0.29
CA CYS B 88 16.07 -0.89 0.68
C CYS B 88 15.93 0.60 0.42
N GLN B 89 16.28 1.37 1.44
CA GLN B 89 16.16 2.83 1.40
C GLN B 89 17.17 3.41 2.38
N GLN B 90 17.89 4.45 1.96
CA GLN B 90 18.73 5.20 2.89
C GLN B 90 18.05 6.50 3.28
N SER B 91 18.18 6.88 4.54
CA SER B 91 17.78 8.22 4.99
C SER B 91 18.93 8.88 5.79
N TYR B 92 20.14 8.64 5.33
CA TYR B 92 21.34 9.26 5.88
C TYR B 92 21.34 10.77 5.56
N THR B 93 20.93 11.10 4.33
CA THR B 93 20.79 12.47 3.86
C THR B 93 19.34 12.73 3.39
N THR B 94 19.12 13.94 2.90
CA THR B 94 17.94 14.31 2.12
C THR B 94 18.47 14.65 0.73
N PRO B 95 17.89 14.06 -0.34
CA PRO B 95 16.72 13.20 -0.35
C PRO B 95 17.02 11.75 0.06
N PRO B 96 16.09 11.13 0.79
CA PRO B 96 16.21 9.69 0.98
C PRO B 96 15.98 8.99 -0.37
N THR B 97 16.72 7.90 -0.61
CA THR B 97 16.65 7.22 -1.90
C THR B 97 16.47 5.72 -1.72
N PHE B 98 15.77 5.11 -2.66
CA PHE B 98 15.42 3.71 -2.63
C PHE B 98 16.26 2.92 -3.60
N GLY B 99 16.47 1.64 -3.27
CA GLY B 99 17.00 0.67 -4.23
C GLY B 99 15.91 0.29 -5.20
N GLN B 100 16.26 -0.44 -6.25
CA GLN B 100 15.32 -0.71 -7.35
C GLN B 100 14.41 -1.91 -7.12
N GLY B 101 14.59 -2.64 -6.02
CA GLY B 101 13.67 -3.73 -5.70
C GLY B 101 14.24 -5.10 -6.00
N THR B 102 13.81 -6.08 -5.22
CA THR B 102 14.12 -7.47 -5.48
C THR B 102 12.82 -8.26 -5.36
N LYS B 103 12.43 -8.88 -6.46
CA LYS B 103 11.24 -9.70 -6.52
C LYS B 103 11.61 -11.14 -6.15
N VAL B 104 11.02 -11.62 -5.07
CA VAL B 104 11.14 -13.00 -4.62
C VAL B 104 9.90 -13.77 -5.08
N GLU B 105 10.13 -14.73 -5.97
CA GLU B 105 9.06 -15.51 -6.57
C GLU B 105 9.18 -16.98 -6.18
N ILE B 106 8.11 -17.73 -6.44
CA ILE B 106 7.96 -19.13 -5.99
C ILE B 106 8.47 -20.09 -7.06
N LYS B 107 9.41 -20.93 -6.65
CA LYS B 107 9.92 -21.99 -7.49
C LYS B 107 8.91 -23.12 -7.63
N ARG B 108 8.76 -23.63 -8.85
CA ARG B 108 7.97 -24.82 -9.10
C ARG B 108 8.58 -25.54 -10.28
N THR B 109 7.99 -26.68 -10.65
CA THR B 109 8.43 -27.49 -11.78
C THR B 109 8.13 -26.81 -13.13
N VAL B 110 8.92 -27.13 -14.14
CA VAL B 110 8.65 -26.67 -15.51
C VAL B 110 7.26 -27.09 -16.03
N ALA B 111 6.56 -26.15 -16.65
CA ALA B 111 5.27 -26.43 -17.25
C ALA B 111 5.19 -25.74 -18.60
N ALA B 112 4.98 -26.50 -19.66
CA ALA B 112 4.76 -25.96 -21.01
C ALA B 112 3.47 -25.15 -21.07
N PRO B 113 3.47 -24.06 -21.86
CA PRO B 113 2.21 -23.33 -22.08
C PRO B 113 1.20 -24.11 -22.94
N SER B 114 -0.07 -23.96 -22.59
CA SER B 114 -1.14 -24.34 -23.51
C SER B 114 -1.41 -23.11 -24.36
N VAL B 115 -1.35 -23.25 -25.67
CA VAL B 115 -1.41 -22.11 -26.59
C VAL B 115 -2.73 -22.11 -27.32
N PHE B 116 -3.44 -20.99 -27.24
CA PHE B 116 -4.74 -20.78 -27.88
C PHE B 116 -4.71 -19.49 -28.72
N ILE B 117 -5.38 -19.50 -29.87
CA ILE B 117 -5.43 -18.32 -30.76
C ILE B 117 -6.89 -17.90 -30.99
N PHE B 118 -7.12 -16.58 -30.98
CA PHE B 118 -8.45 -15.98 -31.12
C PHE B 118 -8.42 -15.00 -32.29
N PRO B 119 -9.21 -15.29 -33.34
CA PRO B 119 -9.40 -14.26 -34.37
C PRO B 119 -10.15 -13.05 -33.79
N PRO B 120 -10.12 -11.89 -34.49
CA PRO B 120 -11.00 -10.75 -34.17
C PRO B 120 -12.45 -11.19 -34.20
N SER B 121 -13.22 -10.70 -33.23
CA SER B 121 -14.69 -10.77 -33.23
C SER B 121 -15.28 -10.14 -34.47
N ASP B 122 -16.41 -10.67 -34.93
CA ASP B 122 -17.22 -10.02 -35.97
C ASP B 122 -17.68 -8.63 -35.47
N GLU B 123 -17.95 -8.54 -34.18
CA GLU B 123 -18.34 -7.28 -33.51
C GLU B 123 -17.27 -6.20 -33.61
N GLN B 124 -16.00 -6.57 -33.39
CA GLN B 124 -14.88 -5.64 -33.53
C GLN B 124 -14.66 -5.26 -34.98
N LEU B 125 -14.68 -6.28 -35.84
CA LEU B 125 -14.33 -6.15 -37.29
C LEU B 125 -15.17 -5.15 -38.10
N LYS B 126 -16.44 -5.01 -37.75
CA LYS B 126 -17.35 -4.13 -38.49
C LYS B 126 -16.88 -2.67 -38.39
N SER B 127 -16.15 -2.39 -37.31
CA SER B 127 -15.73 -1.04 -36.96
C SER B 127 -14.39 -0.62 -37.56
N GLY B 128 -13.81 -1.44 -38.44
CA GLY B 128 -12.58 -1.08 -39.13
C GLY B 128 -11.30 -1.46 -38.38
N THR B 129 -11.47 -2.18 -37.27
CA THR B 129 -10.30 -2.68 -36.51
C THR B 129 -10.31 -4.19 -36.20
N ALA B 130 -9.09 -4.73 -36.10
CA ALA B 130 -8.84 -6.14 -35.92
C ALA B 130 -7.73 -6.36 -34.86
N SER B 131 -8.07 -7.08 -33.81
CA SER B 131 -7.12 -7.55 -32.80
C SER B 131 -7.07 -9.07 -32.86
N VAL B 132 -5.88 -9.62 -33.06
CA VAL B 132 -5.69 -11.08 -32.97
C VAL B 132 -4.93 -11.39 -31.69
N VAL B 133 -5.50 -12.28 -30.87
CA VAL B 133 -4.98 -12.57 -29.53
C VAL B 133 -4.45 -14.00 -29.45
N CYS B 134 -3.18 -14.11 -29.05
CA CYS B 134 -2.53 -15.41 -28.80
C CYS B 134 -2.34 -15.53 -27.30
N LEU B 135 -2.80 -16.64 -26.73
CA LEU B 135 -2.79 -16.88 -25.28
C LEU B 135 -1.88 -18.03 -24.96
N LEU B 136 -0.91 -17.80 -24.09
CA LEU B 136 -0.01 -18.83 -23.57
C LEU B 136 -0.42 -18.99 -22.13
N ASN B 137 -1.05 -20.12 -21.81
CA ASN B 137 -1.68 -20.30 -20.51
C ASN B 137 -0.94 -21.27 -19.59
N ASN B 138 -0.72 -20.84 -18.36
CA ASN B 138 -0.26 -21.72 -17.29
C ASN B 138 1.10 -22.39 -17.53
N PHE B 139 2.09 -21.55 -17.78
CA PHE B 139 3.46 -22.01 -18.00
C PHE B 139 4.43 -21.54 -16.92
N TYR B 140 5.55 -22.26 -16.85
CA TYR B 140 6.64 -21.94 -15.94
C TYR B 140 7.95 -22.54 -16.47
N PRO B 141 9.06 -21.78 -16.42
CA PRO B 141 9.20 -20.42 -15.90
C PRO B 141 8.68 -19.30 -16.86
N ARG B 142 8.90 -18.06 -16.45
CA ARG B 142 8.30 -16.90 -17.13
C ARG B 142 8.80 -16.69 -18.54
N GLU B 143 10.04 -17.07 -18.78
CA GLU B 143 10.69 -16.78 -20.06
C GLU B 143 10.05 -17.57 -21.21
N ALA B 144 9.58 -16.83 -22.23
CA ALA B 144 8.91 -17.39 -23.40
C ALA B 144 9.10 -16.43 -24.59
N LYS B 145 9.22 -16.97 -25.79
CA LYS B 145 9.29 -16.17 -27.01
C LYS B 145 8.05 -16.43 -27.86
N VAL B 146 7.38 -15.37 -28.28
CA VAL B 146 6.20 -15.48 -29.14
C VAL B 146 6.41 -14.64 -30.39
N GLN B 147 6.24 -15.27 -31.55
CA GLN B 147 6.39 -14.61 -32.83
C GLN B 147 5.13 -14.76 -33.63
N TRP B 148 4.77 -13.70 -34.34
CA TRP B 148 3.62 -13.74 -35.23
C TRP B 148 4.08 -13.92 -36.68
N LYS B 149 3.36 -14.73 -37.43
CA LYS B 149 3.54 -14.88 -38.87
C LYS B 149 2.17 -14.71 -39.54
N VAL B 150 2.13 -13.90 -40.60
CA VAL B 150 0.91 -13.67 -41.39
C VAL B 150 1.20 -14.10 -42.84
N ASP B 151 0.37 -15.01 -43.35
CA ASP B 151 0.69 -15.80 -44.58
C ASP B 151 2.17 -16.18 -44.61
N ASN B 152 2.65 -16.70 -43.50
CA ASN B 152 4.03 -17.18 -43.34
C ASN B 152 5.17 -16.13 -43.28
N ALA B 153 4.82 -14.85 -43.31
CA ALA B 153 5.83 -13.79 -43.15
C ALA B 153 5.93 -13.38 -41.70
N LEU B 154 7.15 -13.33 -41.16
CA LEU B 154 7.40 -12.93 -39.77
C LEU B 154 7.02 -11.47 -39.58
N GLN B 155 6.19 -11.18 -38.58
CA GLN B 155 5.75 -9.82 -38.29
C GLN B 155 6.71 -9.19 -37.33
N SER B 156 6.78 -7.85 -37.36
CA SER B 156 7.55 -7.10 -36.39
C SER B 156 6.93 -5.72 -36.19
N GLY B 157 6.91 -5.28 -34.93
CA GLY B 157 6.39 -3.97 -34.56
C GLY B 157 4.89 -3.77 -34.51
N ASN B 158 4.11 -4.85 -34.57
CA ASN B 158 2.65 -4.71 -34.57
C ASN B 158 1.94 -5.63 -33.57
N SER B 159 2.68 -5.99 -32.51
CA SER B 159 2.18 -6.76 -31.39
C SER B 159 2.69 -6.26 -30.03
N GLN B 160 1.90 -6.53 -28.99
CA GLN B 160 2.19 -6.18 -27.61
C GLN B 160 1.87 -7.37 -26.73
N GLU B 161 2.73 -7.56 -25.73
CA GLU B 161 2.66 -8.67 -24.79
C GLU B 161 2.31 -8.16 -23.40
N SER B 162 1.59 -8.98 -22.64
CA SER B 162 1.27 -8.68 -21.25
C SER B 162 1.36 -10.01 -20.51
N VAL B 163 1.81 -9.99 -19.28
CA VAL B 163 2.01 -11.24 -18.50
C VAL B 163 1.39 -11.06 -17.13
N THR B 164 0.73 -12.10 -16.64
CA THR B 164 0.22 -12.10 -15.27
C THR B 164 1.33 -12.39 -14.24
N GLU B 165 1.04 -12.09 -12.96
CA GLU B 165 1.79 -12.55 -11.81
C GLU B 165 1.52 -14.04 -11.56
N GLN B 166 2.37 -14.68 -10.77
CA GLN B 166 2.22 -16.09 -10.50
C GLN B 166 0.81 -16.39 -9.99
N ASP B 167 0.22 -17.44 -10.56
CA ASP B 167 -1.13 -17.88 -10.23
C ASP B 167 -1.24 -18.21 -8.74
N SER B 168 -2.40 -17.86 -8.18
CA SER B 168 -2.72 -18.06 -6.75
C SER B 168 -2.75 -19.53 -6.32
N LYS B 169 -3.10 -20.42 -7.25
CA LYS B 169 -3.23 -21.85 -6.97
C LYS B 169 -2.04 -22.67 -7.43
N ASP B 170 -1.53 -22.42 -8.64
CA ASP B 170 -0.49 -23.28 -9.22
C ASP B 170 0.87 -22.64 -9.52
N SER B 171 1.02 -21.37 -9.17
CA SER B 171 2.29 -20.61 -9.35
C SER B 171 2.82 -20.47 -10.80
N THR B 172 1.94 -20.59 -11.77
CA THR B 172 2.31 -20.45 -13.18
C THR B 172 2.07 -19.02 -13.63
N TYR B 173 2.58 -18.72 -14.83
CA TYR B 173 2.33 -17.47 -15.53
C TYR B 173 1.40 -17.69 -16.72
N SER B 174 0.71 -16.64 -17.14
CA SER B 174 0.00 -16.63 -18.40
C SER B 174 0.41 -15.36 -19.13
N LEU B 175 0.33 -15.40 -20.44
CA LEU B 175 0.82 -14.34 -21.28
C LEU B 175 -0.14 -14.15 -22.45
N SER B 176 -0.42 -12.89 -22.76
CA SER B 176 -1.15 -12.54 -23.99
C SER B 176 -0.22 -11.80 -24.94
N SER B 177 -0.28 -12.17 -26.21
CA SER B 177 0.30 -11.38 -27.30
C SER B 177 -0.82 -11.01 -28.26
N THR B 178 -0.95 -9.72 -28.53
CA THR B 178 -2.04 -9.16 -29.33
C THR B 178 -1.47 -8.45 -30.56
N LEU B 179 -1.81 -8.97 -31.73
CA LEU B 179 -1.49 -8.37 -33.03
C LEU B 179 -2.59 -7.40 -33.46
N THR B 180 -2.21 -6.15 -33.74
CA THR B 180 -3.17 -5.13 -34.17
C THR B 180 -2.93 -4.77 -35.64
N LEU B 181 -4.03 -4.85 -36.41
CA LEU B 181 -4.08 -4.60 -37.86
C LEU B 181 -5.33 -3.80 -38.15
N SER B 182 -5.32 -3.01 -39.22
CA SER B 182 -6.55 -2.40 -39.73
C SER B 182 -7.44 -3.50 -40.29
N LYS B 183 -8.74 -3.26 -40.34
CA LYS B 183 -9.66 -4.21 -40.96
C LYS B 183 -9.22 -4.51 -42.37
N ALA B 184 -8.90 -3.48 -43.15
CA ALA B 184 -8.44 -3.68 -44.53
C ALA B 184 -7.27 -4.65 -44.59
N ASP B 185 -6.22 -4.36 -43.82
CA ASP B 185 -5.02 -5.21 -43.78
C ASP B 185 -5.34 -6.62 -43.32
N TYR B 186 -6.22 -6.74 -42.32
CA TYR B 186 -6.62 -8.07 -41.87
C TYR B 186 -7.26 -8.89 -42.99
N GLU B 187 -8.13 -8.26 -43.77
CA GLU B 187 -8.83 -8.92 -44.90
C GLU B 187 -7.94 -9.20 -46.11
N LYS B 188 -6.78 -8.53 -46.21
CA LYS B 188 -5.81 -8.82 -47.26
C LYS B 188 -5.05 -10.15 -47.10
N HIS B 189 -5.21 -10.84 -45.96
CA HIS B 189 -4.46 -12.09 -45.71
C HIS B 189 -5.34 -13.24 -45.24
N LYS B 190 -4.81 -14.46 -45.36
CA LYS B 190 -5.56 -15.67 -45.04
C LYS B 190 -5.12 -16.33 -43.71
N VAL B 191 -3.84 -16.61 -43.58
CA VAL B 191 -3.30 -17.42 -42.47
C VAL B 191 -2.61 -16.58 -41.37
N TYR B 192 -3.06 -16.82 -40.13
CA TYR B 192 -2.55 -16.12 -38.95
C TYR B 192 -2.02 -17.15 -37.97
N ALA B 193 -0.76 -16.99 -37.56
CA ALA B 193 -0.09 -17.98 -36.72
C ALA B 193 0.75 -17.30 -35.63
N CYS B 194 0.68 -17.83 -34.40
CA CYS B 194 1.66 -17.47 -33.39
C CYS B 194 2.52 -18.67 -33.05
N GLU B 195 3.82 -18.42 -33.00
CA GLU B 195 4.81 -19.43 -32.77
C GLU B 195 5.42 -19.18 -31.38
N VAL B 196 5.40 -20.22 -30.56
CA VAL B 196 5.80 -20.13 -29.15
C VAL B 196 7.01 -21.02 -28.87
N THR B 197 8.02 -20.40 -28.26
CA THR B 197 9.20 -21.06 -27.79
C THR B 197 9.21 -20.95 -26.27
N HIS B 198 9.40 -22.08 -25.61
CA HIS B 198 9.47 -22.17 -24.17
C HIS B 198 10.23 -23.45 -23.78
N GLN B 199 10.93 -23.38 -22.65
CA GLN B 199 11.76 -24.47 -22.06
C GLN B 199 11.05 -25.82 -21.89
N GLY B 200 9.74 -25.76 -21.63
CA GLY B 200 8.91 -26.96 -21.46
C GLY B 200 8.50 -27.65 -22.74
N LEU B 201 8.93 -27.08 -23.86
CA LEU B 201 8.65 -27.57 -25.20
C LEU B 201 9.99 -27.91 -25.87
N SER B 202 10.17 -29.12 -26.41
CA SER B 202 11.46 -29.47 -27.02
C SER B 202 11.64 -28.79 -28.38
N SER B 203 10.53 -28.43 -29.03
CA SER B 203 10.58 -27.58 -30.21
C SER B 203 9.41 -26.58 -30.21
N PRO B 204 9.55 -25.46 -30.95
CA PRO B 204 8.48 -24.45 -30.94
C PRO B 204 7.12 -24.97 -31.41
N VAL B 205 6.06 -24.47 -30.81
CA VAL B 205 4.69 -24.84 -31.16
C VAL B 205 4.02 -23.69 -31.93
N THR B 206 3.29 -24.04 -32.98
CA THR B 206 2.57 -23.05 -33.79
C THR B 206 1.06 -23.29 -33.69
N LYS B 207 0.35 -22.21 -33.39
CA LYS B 207 -1.10 -22.20 -33.38
C LYS B 207 -1.57 -21.21 -34.45
N SER B 208 -2.51 -21.63 -35.28
CA SER B 208 -2.93 -20.82 -36.42
C SER B 208 -4.38 -21.03 -36.82
N PHE B 209 -4.90 -20.07 -37.57
CA PHE B 209 -6.21 -20.17 -38.19
C PHE B 209 -6.16 -19.53 -39.58
N ASN B 210 -7.18 -19.88 -40.37
CA ASN B 210 -7.42 -19.31 -41.71
C ASN B 210 -8.57 -18.36 -41.61
N ARG B 211 -8.38 -17.13 -42.09
CA ARG B 211 -9.37 -16.09 -41.87
C ARG B 211 -10.74 -16.51 -42.42
N GLY B 212 -11.78 -16.32 -41.61
CA GLY B 212 -13.15 -16.65 -41.96
C GLY B 212 -13.34 -18.08 -42.43
N GLU B 213 -13.13 -19.04 -41.54
CA GLU B 213 -13.12 -20.45 -41.93
C GLU B 213 -13.63 -21.38 -40.85
N CYS B 214 -14.59 -22.23 -41.25
CA CYS B 214 -15.08 -23.34 -40.43
C CYS B 214 -15.91 -24.32 -41.26
N GLU C 1 -1.54 0.98 15.34
CA GLU C 1 -1.57 1.14 13.85
C GLU C 1 -2.14 2.51 13.45
N VAL C 2 -1.29 3.38 12.91
CA VAL C 2 -1.77 4.58 12.21
C VAL C 2 -2.30 4.19 10.81
N GLN C 3 -3.49 4.65 10.48
CA GLN C 3 -3.99 4.46 9.11
C GLN C 3 -4.06 5.79 8.36
N LEU C 4 -3.66 5.76 7.09
CA LEU C 4 -3.67 6.93 6.24
C LEU C 4 -4.49 6.64 4.99
N VAL C 5 -5.29 7.61 4.59
CA VAL C 5 -6.12 7.51 3.41
C VAL C 5 -5.80 8.69 2.48
N GLU C 6 -5.29 8.39 1.29
CA GLU C 6 -5.04 9.42 0.27
C GLU C 6 -6.28 9.61 -0.55
N SER C 7 -6.54 10.87 -0.95
CA SER C 7 -7.58 11.16 -1.92
C SER C 7 -7.17 12.28 -2.85
N GLY C 8 -7.95 12.42 -3.93
CA GLY C 8 -7.83 13.52 -4.89
C GLY C 8 -7.18 13.16 -6.22
N GLY C 9 -6.81 11.90 -6.38
CA GLY C 9 -6.17 11.44 -7.60
C GLY C 9 -7.13 11.49 -8.78
N GLY C 10 -6.56 11.56 -9.98
CA GLY C 10 -7.33 11.52 -11.23
C GLY C 10 -6.53 11.96 -12.44
N LEU C 11 -7.26 12.31 -13.49
CA LEU C 11 -6.72 12.68 -14.79
C LEU C 11 -6.59 14.18 -14.85
N VAL C 12 -5.43 14.65 -15.26
CA VAL C 12 -5.15 16.06 -15.38
C VAL C 12 -4.24 16.27 -16.59
N GLN C 13 -4.45 17.40 -17.26
CA GLN C 13 -3.72 17.73 -18.47
C GLN C 13 -2.32 18.26 -18.15
N PRO C 14 -1.36 18.01 -19.06
CA PRO C 14 -0.05 18.62 -18.88
C PRO C 14 -0.17 20.14 -18.68
N GLY C 15 0.61 20.66 -17.74
CA GLY C 15 0.57 22.05 -17.32
C GLY C 15 -0.43 22.31 -16.20
N GLY C 16 -1.31 21.35 -15.92
CA GLY C 16 -2.35 21.53 -14.91
C GLY C 16 -1.88 21.37 -13.46
N SER C 17 -2.85 21.51 -12.56
CA SER C 17 -2.65 21.44 -11.12
C SER C 17 -3.55 20.39 -10.52
N LEU C 18 -3.11 19.84 -9.40
CA LEU C 18 -3.89 18.85 -8.63
C LEU C 18 -3.45 18.89 -7.19
N ARG C 19 -4.41 18.82 -6.28
CA ARG C 19 -4.14 18.75 -4.86
C ARG C 19 -4.56 17.40 -4.31
N LEU C 20 -3.61 16.67 -3.73
CA LEU C 20 -3.91 15.44 -3.00
C LEU C 20 -4.04 15.75 -1.52
N SER C 21 -4.84 14.94 -0.85
CA SER C 21 -4.96 15.01 0.58
C SER C 21 -4.60 13.65 1.17
N CYS C 22 -4.13 13.69 2.42
CA CYS C 22 -3.74 12.52 3.18
C CYS C 22 -4.27 12.67 4.60
N ALA C 23 -5.35 11.95 4.91
CA ALA C 23 -5.99 11.95 6.22
C ALA C 23 -5.37 10.88 7.10
N ALA C 24 -4.84 11.26 8.27
CA ALA C 24 -4.18 10.33 9.20
C ALA C 24 -5.04 10.09 10.45
N SER C 25 -5.12 8.85 10.87
CA SER C 25 -5.71 8.51 12.17
C SER C 25 -4.68 8.79 13.27
N GLY C 26 -5.11 8.60 14.51
CA GLY C 26 -4.25 8.72 15.67
C GLY C 26 -4.18 10.13 16.22
N PHE C 27 -3.36 10.27 17.26
CA PHE C 27 -3.34 11.47 18.11
C PHE C 27 -1.91 11.98 18.33
N THR C 28 -1.02 11.63 17.41
CA THR C 28 0.39 12.10 17.45
C THR C 28 0.84 12.83 16.18
N PHE C 29 -0.14 13.26 15.37
CA PHE C 29 0.09 13.96 14.07
C PHE C 29 1.06 15.14 14.19
N THR C 30 0.91 15.89 15.28
CA THR C 30 1.59 17.17 15.46
C THR C 30 3.08 17.04 15.82
N SER C 31 3.47 15.93 16.45
CA SER C 31 4.85 15.74 16.86
C SER C 31 5.67 14.84 15.92
N THR C 32 5.00 14.26 14.91
CA THR C 32 5.62 13.49 13.82
C THR C 32 5.42 14.18 12.45
N GLY C 33 5.93 13.58 11.38
CA GLY C 33 5.82 14.15 10.03
C GLY C 33 4.99 13.32 9.07
N ILE C 34 4.89 13.82 7.83
CA ILE C 34 4.26 13.11 6.71
C ILE C 34 5.21 13.21 5.52
N SER C 35 5.48 12.06 4.89
CA SER C 35 6.23 12.01 3.63
C SER C 35 5.29 11.59 2.48
N TRP C 36 5.61 12.03 1.28
CA TRP C 36 4.94 11.59 0.07
C TRP C 36 5.97 10.85 -0.78
N VAL C 37 5.60 9.67 -1.28
CA VAL C 37 6.45 8.91 -2.19
C VAL C 37 5.57 8.37 -3.34
N ARG C 38 6.12 8.34 -4.54
CA ARG C 38 5.35 7.90 -5.72
C ARG C 38 5.97 6.67 -6.39
N GLN C 39 5.12 5.99 -7.15
CA GLN C 39 5.48 4.79 -7.87
C GLN C 39 4.86 4.82 -9.25
N ALA C 40 5.69 5.03 -10.26
CA ALA C 40 5.23 5.08 -11.64
C ALA C 40 4.87 3.67 -12.09
N PRO C 41 3.84 3.53 -12.96
CA PRO C 41 3.29 2.20 -13.26
C PRO C 41 4.37 1.19 -13.70
N GLY C 42 4.42 0.06 -12.99
CA GLY C 42 5.45 -0.97 -13.22
C GLY C 42 6.85 -0.64 -12.72
N LYS C 43 6.99 0.48 -12.00
CA LYS C 43 8.32 1.01 -11.65
C LYS C 43 8.58 0.97 -10.14
N GLY C 44 9.74 1.49 -9.74
CA GLY C 44 10.13 1.57 -8.33
C GLY C 44 9.62 2.79 -7.59
N LEU C 45 10.14 2.96 -6.38
CA LEU C 45 9.67 3.99 -5.46
C LEU C 45 10.54 5.21 -5.54
N GLU C 46 9.90 6.38 -5.57
CA GLU C 46 10.60 7.64 -5.62
C GLU C 46 10.03 8.61 -4.57
N TRP C 47 10.88 9.01 -3.63
CA TRP C 47 10.51 10.01 -2.60
C TRP C 47 10.21 11.36 -3.26
N VAL C 48 9.08 11.96 -2.89
CA VAL C 48 8.65 13.25 -3.41
C VAL C 48 8.99 14.40 -2.46
N GLY C 49 8.75 14.19 -1.17
CA GLY C 49 9.05 15.19 -0.17
C GLY C 49 8.54 14.84 1.21
N ARG C 50 8.87 15.69 2.17
CA ARG C 50 8.49 15.51 3.58
C ARG C 50 8.16 16.84 4.26
N ILE C 51 7.16 16.84 5.13
CA ILE C 51 6.93 17.91 6.09
C ILE C 51 7.13 17.29 7.47
N TYR C 52 8.05 17.86 8.24
CA TYR C 52 8.45 17.30 9.55
C TYR C 52 8.84 18.39 10.57
N PRO C 53 8.14 18.42 11.70
CA PRO C 53 6.87 17.76 11.94
C PRO C 53 5.82 18.40 11.03
N THR C 54 4.57 18.02 11.23
CA THR C 54 3.49 18.49 10.37
C THR C 54 3.21 20.01 10.48
N ASN C 55 3.67 20.60 11.57
CA ASN C 55 3.72 22.07 11.75
C ASN C 55 5.14 22.62 11.57
N GLY C 56 6.00 21.88 10.86
CA GLY C 56 7.40 22.25 10.70
C GLY C 56 7.79 22.59 9.26
N SER C 57 9.03 22.27 8.89
CA SER C 57 9.61 22.61 7.60
C SER C 57 9.50 21.49 6.55
N THR C 58 9.70 21.86 5.29
CA THR C 58 9.55 20.94 4.17
C THR C 58 10.85 20.71 3.43
N ASN C 59 10.95 19.54 2.81
CA ASN C 59 12.00 19.21 1.85
C ASN C 59 11.41 18.46 0.67
N TYR C 60 12.02 18.63 -0.51
CA TYR C 60 11.47 18.10 -1.78
C TYR C 60 12.56 17.43 -2.62
N ALA C 61 12.17 16.46 -3.45
CA ALA C 61 13.07 15.91 -4.46
C ALA C 61 13.34 16.99 -5.52
N ASP C 62 14.54 16.97 -6.09
CA ASP C 62 14.92 17.92 -7.14
C ASP C 62 13.97 17.90 -8.32
N SER C 63 13.43 16.71 -8.63
CA SER C 63 12.54 16.54 -9.78
C SER C 63 11.17 17.25 -9.66
N VAL C 64 10.93 17.88 -8.51
CA VAL C 64 9.61 18.32 -8.08
C VAL C 64 9.66 19.75 -7.49
N LYS C 65 10.88 20.21 -7.17
CA LYS C 65 11.13 21.52 -6.58
C LYS C 65 10.57 22.69 -7.40
N GLY C 66 9.79 23.54 -6.76
CA GLY C 66 9.24 24.72 -7.42
C GLY C 66 7.89 24.45 -8.05
N ARG C 67 7.54 23.17 -8.16
CA ARG C 67 6.28 22.71 -8.73
C ARG C 67 5.35 22.09 -7.69
N PHE C 68 5.90 21.31 -6.74
CA PHE C 68 5.09 20.65 -5.70
C PHE C 68 5.32 21.29 -4.35
N THR C 69 4.24 21.40 -3.58
CA THR C 69 4.28 21.94 -2.22
C THR C 69 3.52 21.06 -1.24
N ILE C 70 4.10 20.85 -0.06
CA ILE C 70 3.48 20.06 0.99
C ILE C 70 3.07 21.01 2.11
N SER C 71 1.88 20.75 2.64
CA SER C 71 1.33 21.50 3.75
C SER C 71 0.52 20.55 4.62
N ALA C 72 0.04 21.05 5.75
CA ALA C 72 -0.77 20.25 6.66
C ALA C 72 -1.66 21.13 7.52
N ASP C 73 -2.83 20.59 7.84
CA ASP C 73 -3.78 21.21 8.74
C ASP C 73 -3.85 20.31 9.98
N THR C 74 -3.17 20.76 11.03
CA THR C 74 -3.04 20.02 12.28
C THR C 74 -4.36 19.85 13.05
N SER C 75 -5.33 20.72 12.79
CA SER C 75 -6.65 20.58 13.40
C SER C 75 -7.47 19.46 12.74
N LYS C 76 -7.10 19.11 11.51
CA LYS C 76 -7.75 18.04 10.75
C LYS C 76 -6.94 16.73 10.70
N ASN C 77 -5.69 16.76 11.17
CA ASN C 77 -4.78 15.63 10.97
C ASN C 77 -4.71 15.21 9.45
N THR C 78 -4.62 16.23 8.62
CA THR C 78 -4.58 16.07 7.18
C THR C 78 -3.39 16.81 6.61
N ALA C 79 -2.61 16.11 5.79
CA ALA C 79 -1.52 16.69 5.03
C ALA C 79 -1.94 16.81 3.55
N TYR C 80 -1.26 17.68 2.80
CA TYR C 80 -1.64 17.93 1.38
C TYR C 80 -0.41 17.95 0.48
N LEU C 81 -0.62 17.57 -0.78
CA LEU C 81 0.41 17.72 -1.83
C LEU C 81 -0.21 18.56 -2.94
N GLN C 82 0.26 19.80 -3.05
CA GLN C 82 -0.17 20.69 -4.11
C GLN C 82 0.76 20.49 -5.29
N MET C 83 0.21 20.01 -6.41
CA MET C 83 1.01 19.69 -7.57
C MET C 83 0.66 20.67 -8.68
N ASN C 84 1.62 21.51 -9.05
CA ASN C 84 1.44 22.45 -10.14
C ASN C 84 2.31 22.11 -11.34
N SER C 85 1.94 22.61 -12.51
CA SER C 85 2.80 22.54 -13.68
C SER C 85 3.17 21.09 -13.97
N LEU C 86 2.15 20.22 -13.89
CA LEU C 86 2.33 18.79 -14.02
C LEU C 86 2.79 18.35 -15.42
N ARG C 87 3.56 17.26 -15.44
CA ARG C 87 4.13 16.67 -16.64
C ARG C 87 3.73 15.21 -16.71
N ALA C 88 3.71 14.66 -17.92
CA ALA C 88 3.41 13.26 -18.17
C ALA C 88 4.13 12.31 -17.23
N GLU C 89 5.40 12.59 -16.96
CA GLU C 89 6.26 11.77 -16.08
C GLU C 89 5.96 11.83 -14.57
N ASP C 90 5.06 12.73 -14.17
CA ASP C 90 4.53 12.73 -12.82
C ASP C 90 3.41 11.69 -12.67
N THR C 91 3.10 10.98 -13.75
CA THR C 91 2.09 9.94 -13.73
C THR C 91 2.55 8.82 -12.78
N ALA C 92 1.72 8.47 -11.81
CA ALA C 92 2.13 7.54 -10.75
C ALA C 92 1.08 7.34 -9.70
N VAL C 93 1.25 6.26 -8.93
CA VAL C 93 0.56 6.10 -7.67
C VAL C 93 1.31 6.91 -6.61
N TYR C 94 0.58 7.82 -5.94
CA TYR C 94 1.11 8.66 -4.87
C TYR C 94 0.67 8.13 -3.52
N TYR C 95 1.67 7.85 -2.69
CA TYR C 95 1.50 7.43 -1.30
C TYR C 95 1.90 8.52 -0.29
N CYS C 96 1.16 8.62 0.80
CA CYS C 96 1.64 9.38 1.98
C CYS C 96 2.01 8.39 3.08
N ALA C 97 2.98 8.78 3.91
CA ALA C 97 3.49 7.93 4.96
C ALA C 97 3.78 8.70 6.26
N ARG C 98 3.33 8.15 7.38
CA ARG C 98 3.70 8.68 8.70
C ARG C 98 5.20 8.49 8.87
N THR C 99 5.85 9.60 9.21
CA THR C 99 7.30 9.69 9.33
C THR C 99 7.71 10.17 10.72
N TYR C 100 8.53 9.38 11.39
CA TYR C 100 9.11 9.77 12.67
C TYR C 100 10.63 9.77 12.54
N GLY C 101 11.28 10.34 13.52
CA GLY C 101 12.74 10.47 13.52
C GLY C 101 13.35 9.65 14.64
N ILE C 102 14.58 9.20 14.41
CA ILE C 102 15.38 8.53 15.45
C ILE C 102 16.42 9.54 15.89
N TYR C 103 16.30 9.95 17.16
CA TYR C 103 17.14 10.96 17.79
C TYR C 103 18.26 10.29 18.58
N ASP C 104 19.49 10.73 18.32
CA ASP C 104 20.70 10.03 18.76
C ASP C 104 21.86 11.03 18.75
N LEU C 105 22.38 11.36 19.93
CA LEU C 105 23.48 12.32 20.06
C LEU C 105 24.79 11.83 19.48
N TYR C 106 24.95 10.51 19.31
CA TYR C 106 26.21 9.96 18.81
C TYR C 106 26.49 10.28 17.36
N VAL C 107 25.43 10.48 16.57
CA VAL C 107 25.57 10.72 15.13
C VAL C 107 25.05 12.10 14.71
N ASP C 108 25.56 12.60 13.58
CA ASP C 108 25.13 13.92 13.10
C ASP C 108 23.88 13.93 12.22
N TYR C 109 23.16 12.81 12.16
CA TYR C 109 21.90 12.75 11.40
C TYR C 109 20.75 12.27 12.28
N THR C 110 19.55 12.61 11.85
CA THR C 110 18.31 12.06 12.38
C THR C 110 17.75 11.17 11.29
N GLU C 111 17.70 9.87 11.55
CA GLU C 111 17.12 8.94 10.59
C GLU C 111 15.62 9.18 10.58
N TYR C 112 15.05 9.36 9.39
CA TYR C 112 13.60 9.41 9.23
C TYR C 112 13.11 8.07 8.76
N VAL C 113 12.05 7.61 9.43
CA VAL C 113 11.48 6.31 9.21
C VAL C 113 10.03 6.50 8.79
N MET C 114 9.68 5.94 7.63
CA MET C 114 8.31 5.94 7.11
C MET C 114 7.64 4.59 7.38
N ASP C 115 6.82 4.56 8.43
CA ASP C 115 6.36 3.27 8.97
C ASP C 115 4.98 2.82 8.54
N TYR C 116 4.04 3.75 8.44
CA TYR C 116 2.67 3.46 8.02
C TYR C 116 2.37 4.27 6.75
N TRP C 117 1.91 3.58 5.70
CA TRP C 117 1.64 4.18 4.38
C TRP C 117 0.18 4.00 4.06
N GLY C 118 -0.38 4.95 3.32
CA GLY C 118 -1.75 4.82 2.84
C GLY C 118 -1.86 3.86 1.67
N GLN C 119 -3.08 3.70 1.17
CA GLN C 119 -3.37 2.76 0.09
C GLN C 119 -2.94 3.26 -1.29
N GLY C 120 -2.74 4.58 -1.40
CA GLY C 120 -2.27 5.21 -2.63
C GLY C 120 -3.39 5.82 -3.45
N THR C 121 -3.06 6.85 -4.22
CA THR C 121 -4.00 7.46 -5.15
C THR C 121 -3.31 7.68 -6.50
N LEU C 122 -4.03 7.33 -7.56
CA LEU C 122 -3.50 7.39 -8.92
C LEU C 122 -3.68 8.75 -9.59
N VAL C 123 -2.56 9.32 -10.00
CA VAL C 123 -2.53 10.57 -10.73
C VAL C 123 -2.03 10.26 -12.16
N THR C 124 -2.86 10.59 -13.14
CA THR C 124 -2.51 10.40 -14.54
C THR C 124 -2.38 11.77 -15.21
N VAL C 125 -1.21 12.05 -15.79
CA VAL C 125 -1.02 13.29 -16.56
C VAL C 125 -0.95 12.98 -18.07
N SER C 126 -1.99 13.42 -18.78
CA SER C 126 -2.14 13.16 -20.23
C SER C 126 -3.07 14.17 -20.87
N SER C 127 -2.95 14.31 -22.19
CA SER C 127 -3.87 15.11 -23.00
C SER C 127 -5.12 14.33 -23.40
N ALA C 128 -5.09 13.01 -23.22
CA ALA C 128 -6.23 12.14 -23.49
C ALA C 128 -7.46 12.47 -22.63
N SER C 129 -8.64 12.43 -23.25
CA SER C 129 -9.90 12.57 -22.55
C SER C 129 -10.22 11.26 -21.90
N THR C 130 -11.00 11.34 -20.83
CA THR C 130 -11.61 10.18 -20.25
C THR C 130 -12.43 9.44 -21.34
N LYS C 131 -12.34 8.11 -21.36
CA LYS C 131 -12.97 7.32 -22.41
C LYS C 131 -13.27 5.90 -21.93
N GLY C 132 -14.53 5.49 -22.06
CA GLY C 132 -14.94 4.14 -21.71
C GLY C 132 -14.50 3.10 -22.73
N PRO C 133 -14.29 1.85 -22.30
CA PRO C 133 -13.84 0.80 -23.20
C PRO C 133 -14.91 0.23 -24.10
N SER C 134 -14.44 -0.28 -25.24
CA SER C 134 -15.12 -1.28 -26.03
C SER C 134 -14.84 -2.63 -25.36
N VAL C 135 -15.79 -3.54 -25.44
CA VAL C 135 -15.64 -4.87 -24.87
C VAL C 135 -16.04 -5.90 -25.93
N PHE C 136 -15.08 -6.69 -26.37
CA PHE C 136 -15.29 -7.69 -27.40
C PHE C 136 -15.10 -9.08 -26.85
N PRO C 137 -15.91 -10.05 -27.33
CA PRO C 137 -15.72 -11.45 -26.92
C PRO C 137 -14.50 -12.09 -27.57
N LEU C 138 -13.83 -12.92 -26.80
CA LEU C 138 -12.82 -13.86 -27.31
C LEU C 138 -13.47 -15.24 -27.22
N ALA C 139 -14.14 -15.61 -28.30
CA ALA C 139 -15.02 -16.78 -28.33
C ALA C 139 -14.28 -18.11 -28.23
N PRO C 140 -14.81 -19.04 -27.42
CA PRO C 140 -14.23 -20.36 -27.39
C PRO C 140 -14.45 -21.06 -28.75
N SER C 141 -13.43 -21.79 -29.20
CA SER C 141 -13.50 -22.51 -30.47
C SER C 141 -12.67 -23.79 -30.37
N SER C 142 -12.54 -24.50 -31.48
CA SER C 142 -11.60 -25.64 -31.59
C SER C 142 -10.15 -25.19 -31.49
N LYS C 143 -9.87 -23.95 -31.92
CA LYS C 143 -8.53 -23.34 -31.81
C LYS C 143 -8.18 -22.84 -30.38
N SER C 144 -9.18 -22.92 -29.49
CA SER C 144 -9.01 -22.61 -28.06
C SER C 144 -9.44 -23.78 -27.16
N THR C 145 -9.31 -25.01 -27.67
CA THR C 145 -9.75 -26.22 -26.95
C THR C 145 -8.67 -27.29 -26.95
N SER C 146 -8.30 -27.73 -25.76
CA SER C 146 -7.25 -28.73 -25.56
C SER C 146 -7.59 -29.60 -24.35
N GLY C 147 -7.44 -30.92 -24.50
CA GLY C 147 -7.93 -31.84 -23.47
C GLY C 147 -9.42 -31.62 -23.40
N GLY C 148 -9.97 -31.64 -22.20
CA GLY C 148 -11.40 -31.35 -22.05
C GLY C 148 -11.70 -29.91 -21.66
N THR C 149 -10.81 -29.00 -22.08
CA THR C 149 -10.79 -27.61 -21.57
C THR C 149 -10.86 -26.61 -22.72
N ALA C 150 -11.65 -25.55 -22.52
CA ALA C 150 -11.79 -24.48 -23.52
C ALA C 150 -11.41 -23.13 -22.89
N ALA C 151 -10.66 -22.32 -23.61
CA ALA C 151 -10.35 -20.94 -23.20
C ALA C 151 -11.30 -19.96 -23.88
N LEU C 152 -11.75 -18.98 -23.12
CA LEU C 152 -12.57 -17.91 -23.66
C LEU C 152 -12.23 -16.63 -22.89
N GLY C 153 -12.64 -15.50 -23.42
CA GLY C 153 -12.39 -14.24 -22.72
C GLY C 153 -13.10 -13.02 -23.25
N CYS C 154 -12.64 -11.86 -22.78
CA CYS C 154 -13.12 -10.55 -23.23
C CYS C 154 -11.94 -9.63 -23.43
N LEU C 155 -11.92 -8.95 -24.58
CA LEU C 155 -10.97 -7.90 -24.86
C LEU C 155 -11.60 -6.56 -24.45
N VAL C 156 -10.90 -5.83 -23.59
CA VAL C 156 -11.33 -4.56 -23.05
C VAL C 156 -10.38 -3.49 -23.60
N LYS C 157 -10.85 -2.84 -24.68
CA LYS C 157 -9.99 -2.08 -25.58
C LYS C 157 -10.34 -0.61 -25.62
N ASP C 158 -9.29 0.21 -25.60
CA ASP C 158 -9.38 1.65 -25.88
C ASP C 158 -10.10 2.46 -24.79
N TYR C 159 -9.60 2.36 -23.57
CA TYR C 159 -10.13 3.15 -22.45
C TYR C 159 -9.05 4.03 -21.88
N PHE C 160 -9.48 5.04 -21.12
CA PHE C 160 -8.56 5.99 -20.49
C PHE C 160 -9.32 6.77 -19.40
N PRO C 161 -8.70 7.00 -18.24
CA PRO C 161 -7.44 6.44 -17.77
C PRO C 161 -7.64 5.05 -17.16
N GLU C 162 -6.57 4.50 -16.57
CA GLU C 162 -6.70 3.36 -15.67
C GLU C 162 -7.53 3.80 -14.45
N PRO C 163 -8.15 2.85 -13.72
CA PRO C 163 -8.23 1.41 -13.96
C PRO C 163 -9.54 0.88 -14.53
N VAL C 164 -9.47 -0.34 -15.00
CA VAL C 164 -10.62 -1.15 -15.33
C VAL C 164 -10.66 -2.32 -14.33
N THR C 165 -11.86 -2.77 -13.95
CA THR C 165 -12.02 -4.08 -13.27
C THR C 165 -12.87 -5.04 -14.12
N VAL C 166 -12.53 -6.32 -14.05
CA VAL C 166 -13.28 -7.35 -14.76
C VAL C 166 -13.67 -8.49 -13.82
N SER C 167 -14.91 -8.93 -13.92
CA SER C 167 -15.40 -10.11 -13.20
C SER C 167 -16.09 -11.01 -14.19
N TRP C 168 -16.31 -12.25 -13.77
CA TRP C 168 -16.97 -13.27 -14.58
C TRP C 168 -18.18 -13.82 -13.82
N ASN C 169 -19.30 -13.88 -14.53
CA ASN C 169 -20.58 -14.34 -13.97
C ASN C 169 -20.81 -13.71 -12.59
N SER C 170 -20.73 -12.37 -12.60
CA SER C 170 -20.89 -11.50 -11.42
C SER C 170 -20.09 -11.89 -10.17
N GLY C 171 -18.93 -12.53 -10.35
CA GLY C 171 -18.07 -12.95 -9.23
C GLY C 171 -18.19 -14.42 -8.84
N ALA C 172 -19.16 -15.10 -9.46
CA ALA C 172 -19.40 -16.52 -9.26
C ALA C 172 -18.29 -17.38 -9.86
N LEU C 173 -17.76 -16.96 -11.02
CA LEU C 173 -16.65 -17.67 -11.70
C LEU C 173 -15.31 -16.99 -11.40
N THR C 174 -14.50 -17.64 -10.56
CA THR C 174 -13.17 -17.15 -10.20
C THR C 174 -12.03 -18.16 -10.49
N SER C 175 -12.35 -19.44 -10.59
CA SER C 175 -11.35 -20.48 -10.87
C SER C 175 -10.88 -20.42 -12.34
N GLY C 176 -9.56 -20.43 -12.53
CA GLY C 176 -8.98 -20.37 -13.88
C GLY C 176 -9.09 -19.05 -14.61
N VAL C 177 -9.37 -17.97 -13.87
CA VAL C 177 -9.47 -16.62 -14.43
C VAL C 177 -8.11 -15.96 -14.45
N HIS C 178 -7.72 -15.40 -15.61
CA HIS C 178 -6.50 -14.60 -15.71
C HIS C 178 -6.84 -13.27 -16.37
N THR C 179 -6.58 -12.17 -15.65
CA THR C 179 -6.81 -10.82 -16.14
C THR C 179 -5.48 -10.09 -16.23
N PHE C 180 -5.09 -9.78 -17.45
CA PHE C 180 -3.76 -9.29 -17.75
C PHE C 180 -3.67 -7.84 -17.35
N PRO C 181 -2.45 -7.39 -16.97
CA PRO C 181 -2.24 -5.95 -16.85
C PRO C 181 -2.52 -5.22 -18.17
N ALA C 182 -2.96 -3.98 -18.06
CA ALA C 182 -3.18 -3.10 -19.22
C ALA C 182 -1.86 -2.79 -19.87
N VAL C 183 -1.88 -2.64 -21.20
CA VAL C 183 -0.81 -1.99 -21.95
C VAL C 183 -1.32 -0.71 -22.57
N LEU C 184 -0.39 0.23 -22.71
CA LEU C 184 -0.64 1.46 -23.39
C LEU C 184 -0.38 1.18 -24.87
N GLN C 185 -1.41 1.45 -25.69
CA GLN C 185 -1.39 1.17 -27.11
C GLN C 185 -0.71 2.30 -27.86
N SER C 186 -0.42 2.09 -29.15
CA SER C 186 0.17 3.19 -29.96
C SER C 186 -0.74 4.41 -30.04
N SER C 187 -2.06 4.21 -29.86
CA SER C 187 -3.04 5.33 -29.77
C SER C 187 -2.97 6.21 -28.52
N GLY C 188 -2.26 5.75 -27.49
CA GLY C 188 -2.24 6.44 -26.22
C GLY C 188 -3.37 6.04 -25.31
N LEU C 189 -4.17 5.05 -25.77
CA LEU C 189 -5.25 4.43 -24.97
C LEU C 189 -4.85 3.06 -24.44
N TYR C 190 -5.47 2.66 -23.33
CA TYR C 190 -5.24 1.37 -22.71
C TYR C 190 -6.09 0.26 -23.30
N SER C 191 -5.55 -0.95 -23.21
CA SER C 191 -6.22 -2.20 -23.57
C SER C 191 -5.75 -3.34 -22.65
N LEU C 192 -6.68 -4.21 -22.26
CA LEU C 192 -6.34 -5.50 -21.63
C LEU C 192 -7.28 -6.60 -22.05
N SER C 193 -6.87 -7.83 -21.84
CA SER C 193 -7.77 -8.99 -21.95
C SER C 193 -7.91 -9.68 -20.60
N SER C 194 -9.09 -10.29 -20.40
CA SER C 194 -9.37 -11.21 -19.29
C SER C 194 -9.81 -12.54 -19.89
N VAL C 195 -9.21 -13.63 -19.41
CA VAL C 195 -9.53 -14.98 -19.94
C VAL C 195 -9.87 -15.95 -18.83
N VAL C 196 -10.49 -17.06 -19.22
CA VAL C 196 -10.91 -18.10 -18.28
C VAL C 196 -10.95 -19.44 -19.03
N THR C 197 -10.46 -20.50 -18.38
CA THR C 197 -10.53 -21.84 -18.95
C THR C 197 -11.66 -22.62 -18.23
N VAL C 198 -12.49 -23.32 -19.00
CA VAL C 198 -13.66 -24.03 -18.48
C VAL C 198 -13.79 -25.42 -19.13
N PRO C 199 -14.53 -26.35 -18.50
CA PRO C 199 -14.78 -27.63 -19.17
C PRO C 199 -15.47 -27.38 -20.49
N SER C 200 -14.98 -27.98 -21.58
CA SER C 200 -15.57 -27.75 -22.89
C SER C 200 -16.97 -28.38 -23.03
N SER C 201 -17.31 -29.30 -22.11
CA SER C 201 -18.68 -29.84 -21.99
C SER C 201 -19.67 -28.83 -21.40
N SER C 202 -19.17 -27.84 -20.66
CA SER C 202 -20.00 -26.77 -20.08
C SER C 202 -20.49 -25.79 -21.14
N LEU C 203 -19.74 -25.69 -22.23
CA LEU C 203 -20.15 -24.89 -23.39
C LEU C 203 -21.44 -25.54 -23.88
N GLY C 204 -22.50 -24.75 -24.00
CA GLY C 204 -23.82 -25.27 -24.39
C GLY C 204 -24.82 -25.23 -23.26
N THR C 205 -24.40 -25.67 -22.07
CA THR C 205 -25.26 -25.69 -20.89
C THR C 205 -24.99 -24.54 -19.92
N GLN C 206 -23.81 -23.91 -20.01
CA GLN C 206 -23.41 -22.86 -19.07
C GLN C 206 -23.17 -21.52 -19.76
N THR C 207 -23.70 -20.46 -19.14
CA THR C 207 -23.52 -19.10 -19.65
C THR C 207 -22.28 -18.42 -19.02
N TYR C 208 -21.54 -17.71 -19.85
CA TYR C 208 -20.32 -17.02 -19.44
C TYR C 208 -20.39 -15.56 -19.86
N ILE C 209 -20.32 -14.69 -18.85
CA ILE C 209 -20.51 -13.26 -19.04
C ILE C 209 -19.40 -12.53 -18.32
N CYS C 210 -18.68 -11.65 -19.02
CA CYS C 210 -17.66 -10.83 -18.36
C CYS C 210 -18.27 -9.48 -17.98
N ASN C 211 -18.06 -9.08 -16.73
CA ASN C 211 -18.59 -7.83 -16.20
C ASN C 211 -17.46 -6.83 -16.10
N VAL C 212 -17.56 -5.75 -16.88
CA VAL C 212 -16.48 -4.78 -17.01
C VAL C 212 -16.90 -3.42 -16.43
N ASN C 213 -16.17 -2.93 -15.42
CA ASN C 213 -16.40 -1.62 -14.82
C ASN C 213 -15.22 -0.66 -15.06
N HIS C 214 -15.53 0.51 -15.63
CA HIS C 214 -14.55 1.61 -15.79
C HIS C 214 -15.11 2.84 -15.06
N LYS C 215 -14.74 2.94 -13.78
CA LYS C 215 -15.20 4.01 -12.89
C LYS C 215 -15.00 5.41 -13.47
N PRO C 216 -13.77 5.74 -13.94
CA PRO C 216 -13.52 7.08 -14.49
C PRO C 216 -14.56 7.61 -15.47
N SER C 217 -15.10 6.76 -16.32
CA SER C 217 -16.11 7.14 -17.29
C SER C 217 -17.53 6.68 -16.86
N ASN C 218 -17.66 6.13 -15.64
CA ASN C 218 -18.92 5.56 -15.17
C ASN C 218 -19.53 4.58 -16.17
N THR C 219 -18.67 3.74 -16.75
CA THR C 219 -19.03 2.74 -17.74
C THR C 219 -19.12 1.38 -17.08
N LYS C 220 -20.20 0.67 -17.37
CA LYS C 220 -20.39 -0.69 -16.87
C LYS C 220 -20.96 -1.52 -18.02
N VAL C 221 -20.19 -2.51 -18.47
CA VAL C 221 -20.60 -3.33 -19.62
C VAL C 221 -20.59 -4.80 -19.23
N ASP C 222 -21.65 -5.51 -19.60
CA ASP C 222 -21.69 -6.97 -19.49
C ASP C 222 -21.72 -7.57 -20.88
N LYS C 223 -20.89 -8.59 -21.11
CA LYS C 223 -20.79 -9.23 -22.40
C LYS C 223 -20.87 -10.74 -22.24
N LYS C 224 -21.91 -11.32 -22.84
CA LYS C 224 -22.01 -12.78 -22.96
C LYS C 224 -20.98 -13.29 -23.96
N VAL C 225 -20.22 -14.30 -23.58
CA VAL C 225 -19.27 -14.92 -24.49
C VAL C 225 -19.73 -16.35 -24.87
N GLU C 226 -19.91 -16.59 -26.16
CA GLU C 226 -20.36 -17.88 -26.65
C GLU C 226 -19.62 -18.24 -27.95
N PRO C 227 -19.65 -19.54 -28.36
CA PRO C 227 -18.98 -19.94 -29.62
C PRO C 227 -19.61 -19.28 -30.85
N LYS C 228 -18.81 -19.05 -31.89
CA LYS C 228 -19.32 -18.47 -33.15
C LYS C 228 -19.96 -19.58 -34.00
N SER C 229 -21.11 -19.28 -34.60
CA SER C 229 -21.99 -20.31 -35.19
C SER C 229 -21.40 -21.08 -36.39
N CYS C 230 -21.18 -20.36 -37.49
CA CYS C 230 -20.76 -20.97 -38.78
C CYS C 230 -21.83 -21.89 -39.37
#